data_3Q6T
#
_entry.id   3Q6T
#
_cell.length_a   120.385
_cell.length_b   120.385
_cell.length_c   248.117
_cell.angle_alpha   90.00
_cell.angle_beta   90.00
_cell.angle_gamma   120.00
#
_symmetry.space_group_name_H-M   'P 62 2 2'
#
loop_
_entity.id
_entity.type
_entity.pdbx_description
1 polymer '43.2 kDa salivary protein'
2 non-polymer 'CITRIC ACID'
3 water water
#
_entity_poly.entity_id   1
_entity_poly.type   'polypeptide(L)'
_entity_poly.pdbx_seq_one_letter_code
;ADTQGYKWKQLLYNNVTPGSYNPDNMISTAFAYDAEGEKLFLAVPRKLPRVPYTLAEVDTKNSLGVKGKHSPLLNKFSGH
KTGKELTSIYQPVIDDCRRLWVVDIGSVEYRSRGAKDYPSHRPAIVAYDLKQPNYPEVVRYYFPTRLVEKPTYFGGFAVD
VANPKGDCSETFVYITNFLRGALFIYDHKKQDSWNVTHPTFKAERPTKFDYGGKEYEFKAGIFGITLGDRDSEGNRPAYY
LAGSAIKVYSVNTKELKQKGGKLNPELLGNRGKYNDAIALAYDPKTKVIFFAEANTKQVSCWNTQKMPLRMKNTDVVYTS
SRFVFGTDISVDSKGGLWFMSNGFPPIRKSEKFKYDFPRYRLMRIMDTQEAIAGTACDMNA
;
_entity_poly.pdbx_strand_id   A,B
#
loop_
_chem_comp.id
_chem_comp.type
_chem_comp.name
_chem_comp.formula
CIT non-polymer 'CITRIC ACID' 'C6 H8 O7'
#
# COMPACT_ATOMS: atom_id res chain seq x y z
N ALA A 1 4.68 5.97 22.77
CA ALA A 1 5.04 4.55 22.43
C ALA A 1 4.68 3.57 23.57
N ASP A 2 4.98 3.93 24.81
CA ASP A 2 4.48 3.15 25.98
C ASP A 2 2.97 3.21 26.11
N THR A 3 2.38 2.06 26.45
CA THR A 3 0.93 1.94 26.59
C THR A 3 0.59 1.36 27.94
N GLN A 4 -0.60 1.71 28.39
CA GLN A 4 -1.24 1.09 29.52
C GLN A 4 -2.60 0.60 29.00
N GLY A 5 -3.04 -0.58 29.45
CA GLY A 5 -4.41 -1.00 29.12
C GLY A 5 -4.90 -2.38 29.54
N TYR A 6 -6.04 -2.77 28.99
CA TYR A 6 -6.63 -4.07 29.27
C TYR A 6 -6.50 -5.08 28.13
N LYS A 7 -6.48 -6.36 28.52
CA LYS A 7 -6.44 -7.49 27.61
C LYS A 7 -7.51 -8.49 28.06
N TRP A 8 -8.37 -8.95 27.17
CA TRP A 8 -9.34 -9.96 27.59
C TRP A 8 -9.34 -11.22 26.69
N LYS A 9 -9.11 -12.41 27.27
CA LYS A 9 -9.35 -13.66 26.55
C LYS A 9 -10.86 -13.81 26.31
N GLN A 10 -11.67 -13.59 27.34
CA GLN A 10 -13.11 -13.48 27.16
C GLN A 10 -13.62 -12.33 27.97
N LEU A 11 -14.76 -11.80 27.57
CA LEU A 11 -15.37 -10.72 28.31
C LEU A 11 -16.30 -11.34 29.29
N LEU A 12 -15.84 -11.51 30.53
CA LEU A 12 -16.66 -12.01 31.66
C LEU A 12 -17.39 -10.85 32.35
N TYR A 13 -18.61 -11.09 32.78
CA TYR A 13 -19.36 -10.09 33.54
C TYR A 13 -19.33 -10.37 35.04
N ASN A 14 -19.26 -9.30 35.80
CA ASN A 14 -19.49 -9.38 37.24
C ASN A 14 -20.99 -9.52 37.59
N ASN A 15 -21.30 -10.26 38.65
CA ASN A 15 -22.69 -10.37 39.11
C ASN A 15 -23.70 -10.96 38.16
N VAL A 16 -23.28 -11.97 37.43
CA VAL A 16 -24.17 -12.64 36.52
C VAL A 16 -23.84 -14.10 36.83
N THR A 17 -24.84 -14.97 36.83
CA THR A 17 -24.63 -16.37 37.17
C THR A 17 -23.66 -17.13 36.22
N PRO A 18 -22.57 -17.65 36.77
CA PRO A 18 -21.73 -18.48 35.92
C PRO A 18 -22.52 -19.59 35.20
N GLY A 19 -22.35 -19.65 33.88
CA GLY A 19 -23.00 -20.66 33.07
C GLY A 19 -24.23 -20.13 32.37
N SER A 20 -24.69 -18.96 32.77
CA SER A 20 -25.91 -18.39 32.21
C SER A 20 -25.73 -17.76 30.82
N TYR A 21 -24.48 -17.70 30.36
CA TYR A 21 -24.10 -17.14 29.06
C TYR A 21 -22.77 -17.73 28.69
N ASN A 22 -22.44 -17.71 27.41
CA ASN A 22 -21.17 -18.22 26.93
C ASN A 22 -20.21 -17.06 26.72
N PRO A 23 -19.16 -17.02 27.53
CA PRO A 23 -18.23 -15.88 27.52
C PRO A 23 -17.66 -15.65 26.13
N ASP A 24 -17.56 -16.72 25.33
CA ASP A 24 -17.05 -16.58 23.99
C ASP A 24 -18.01 -15.86 23.03
N ASN A 25 -19.28 -15.68 23.41
CA ASN A 25 -20.24 -14.95 22.56
C ASN A 25 -20.30 -13.48 22.93
N MET A 26 -19.59 -13.11 23.97
CA MET A 26 -19.55 -11.73 24.36
C MET A 26 -18.45 -11.07 23.50
N ILE A 27 -18.90 -10.31 22.52
CA ILE A 27 -18.03 -9.73 21.52
C ILE A 27 -18.26 -8.22 21.50
N SER A 28 -17.20 -7.45 21.79
CA SER A 28 -17.36 -6.03 21.94
C SER A 28 -16.75 -5.37 20.73
N THR A 29 -17.36 -4.29 20.29
CA THR A 29 -17.11 -3.76 18.95
C THR A 29 -16.60 -2.35 19.04
N ALA A 30 -16.76 -1.76 20.21
CA ALA A 30 -16.45 -0.35 20.44
C ALA A 30 -16.39 0.02 21.93
N PHE A 31 -15.86 1.20 22.23
CA PHE A 31 -15.72 1.61 23.61
C PHE A 31 -15.89 3.13 23.67
N ALA A 32 -15.78 3.68 24.88
CA ALA A 32 -15.66 5.13 25.13
C ALA A 32 -15.15 5.33 26.56
N TYR A 33 -14.04 6.05 26.69
CA TYR A 33 -13.48 6.33 28.02
C TYR A 33 -13.85 7.74 28.45
N ASP A 34 -14.45 7.85 29.62
CA ASP A 34 -14.74 9.13 30.22
C ASP A 34 -13.59 9.45 31.22
N ALA A 35 -12.67 10.31 30.78
CA ALA A 35 -11.43 10.54 31.51
C ALA A 35 -11.64 11.14 32.91
N GLU A 36 -12.62 12.04 33.04
CA GLU A 36 -12.94 12.70 34.32
C GLU A 36 -13.52 11.71 35.33
N GLY A 37 -14.46 10.89 34.87
CA GLY A 37 -15.16 9.92 35.72
C GLY A 37 -14.39 8.64 35.93
N GLU A 38 -13.36 8.44 35.10
CA GLU A 38 -12.53 7.23 35.13
C GLU A 38 -13.35 5.94 34.92
N LYS A 39 -14.32 6.04 34.01
CA LYS A 39 -15.15 4.90 33.63
C LYS A 39 -14.87 4.56 32.19
N LEU A 40 -14.89 3.28 31.91
CA LEU A 40 -14.73 2.77 30.56
C LEU A 40 -16.07 2.21 30.15
N PHE A 41 -16.55 2.54 28.95
CA PHE A 41 -17.83 1.96 28.48
C PHE A 41 -17.62 1.13 27.24
N LEU A 42 -18.17 -0.07 27.27
CA LEU A 42 -18.02 -1.03 26.19
C LEU A 42 -19.33 -1.37 25.55
N ALA A 43 -19.39 -1.36 24.22
CA ALA A 43 -20.55 -1.89 23.54
C ALA A 43 -20.31 -3.36 23.30
N VAL A 44 -21.27 -4.19 23.72
CA VAL A 44 -21.28 -5.59 23.46
C VAL A 44 -22.63 -5.82 22.82
N PRO A 45 -22.70 -5.73 21.48
CA PRO A 45 -23.99 -5.92 20.81
C PRO A 45 -24.59 -7.31 21.03
N ARG A 46 -25.92 -7.35 21.13
CA ARG A 46 -26.67 -8.57 21.30
C ARG A 46 -26.76 -9.35 19.98
N LYS A 47 -25.60 -9.82 19.59
CA LYS A 47 -25.37 -10.44 18.30
C LYS A 47 -25.50 -11.96 18.42
N LEU A 48 -25.26 -12.46 19.63
CA LEU A 48 -25.38 -13.85 19.96
C LEU A 48 -26.12 -14.00 21.29
N PRO A 49 -26.77 -15.16 21.48
CA PRO A 49 -27.62 -15.40 22.63
C PRO A 49 -26.99 -15.05 23.96
N ARG A 50 -27.80 -14.45 24.83
CA ARG A 50 -27.57 -14.36 26.29
C ARG A 50 -26.53 -13.34 26.73
N VAL A 51 -26.43 -12.24 25.99
CA VAL A 51 -25.61 -11.11 26.42
C VAL A 51 -26.34 -10.36 27.55
N PRO A 52 -25.79 -10.40 28.78
CA PRO A 52 -26.48 -9.83 29.94
C PRO A 52 -26.64 -8.33 29.87
N TYR A 53 -25.58 -7.56 29.59
CA TYR A 53 -25.69 -6.10 29.39
C TYR A 53 -24.98 -5.67 28.11
N THR A 54 -25.68 -4.91 27.28
CA THR A 54 -25.17 -4.52 25.96
C THR A 54 -24.36 -3.21 26.04
N LEU A 55 -24.56 -2.49 27.13
CA LEU A 55 -23.70 -1.38 27.47
C LEU A 55 -23.13 -1.73 28.84
N ALA A 56 -21.84 -2.02 28.89
CA ALA A 56 -21.21 -2.48 30.12
C ALA A 56 -20.24 -1.41 30.58
N GLU A 57 -20.04 -1.25 31.88
CA GLU A 57 -19.01 -0.32 32.36
C GLU A 57 -17.94 -0.95 33.24
N VAL A 58 -16.75 -0.35 33.27
CA VAL A 58 -15.72 -0.76 34.21
C VAL A 58 -15.01 0.43 34.82
N ASP A 59 -14.84 0.42 36.14
CA ASP A 59 -14.15 1.48 36.86
C ASP A 59 -12.65 1.29 36.75
N THR A 60 -12.00 2.24 36.07
CA THR A 60 -10.58 2.16 35.70
C THR A 60 -9.64 2.57 36.82
N LYS A 61 -10.16 3.22 37.85
CA LYS A 61 -9.35 3.85 38.89
C LYS A 61 -8.25 2.97 39.48
N ASN A 62 -8.60 1.90 40.19
CA ASN A 62 -7.54 1.08 40.74
C ASN A 62 -7.11 -0.06 39.80
N SER A 63 -7.17 0.22 38.49
CA SER A 63 -7.01 -0.83 37.46
C SER A 63 -5.90 -0.54 36.47
N LEU A 64 -5.86 0.71 36.01
CA LEU A 64 -5.23 1.02 34.74
C LEU A 64 -3.79 0.57 34.55
N GLY A 65 -2.88 1.07 35.38
CA GLY A 65 -1.46 0.81 35.14
C GLY A 65 -0.94 -0.32 35.99
N VAL A 66 -1.83 -0.87 36.82
CA VAL A 66 -1.49 -1.82 37.87
C VAL A 66 -1.26 -3.23 37.31
N LYS A 67 -0.17 -3.85 37.77
CA LYS A 67 0.17 -5.21 37.41
C LYS A 67 -0.91 -6.15 37.96
N GLY A 68 -1.33 -7.15 37.18
CA GLY A 68 -2.32 -8.16 37.62
C GLY A 68 -3.79 -7.81 37.38
N LYS A 69 -4.09 -6.51 37.28
CA LYS A 69 -5.44 -6.00 37.02
C LYS A 69 -5.66 -5.74 35.49
N HIS A 70 -5.15 -6.63 34.64
CA HIS A 70 -5.28 -6.48 33.18
C HIS A 70 -6.62 -6.88 32.53
N SER A 71 -7.46 -7.63 33.25
CA SER A 71 -8.76 -8.12 32.76
C SER A 71 -9.92 -7.83 33.70
N PRO A 72 -10.41 -6.59 33.72
CA PRO A 72 -11.53 -6.35 34.61
C PRO A 72 -12.88 -6.95 34.12
N LEU A 73 -13.73 -7.31 35.08
CA LEU A 73 -15.03 -7.87 34.76
C LEU A 73 -15.96 -6.76 34.35
N LEU A 74 -16.82 -7.05 33.38
CA LEU A 74 -17.79 -6.04 32.95
C LEU A 74 -18.95 -5.90 33.95
N ASN A 75 -19.41 -4.67 34.18
CA ASN A 75 -20.56 -4.49 35.06
C ASN A 75 -21.71 -3.88 34.30
N LYS A 76 -22.92 -4.06 34.79
CA LYS A 76 -24.07 -3.37 34.24
C LYS A 76 -23.84 -1.85 34.26
N PHE A 77 -24.40 -1.16 33.26
CA PHE A 77 -24.33 0.30 33.17
C PHE A 77 -24.99 0.89 34.38
N SER A 78 -24.25 1.75 35.08
CA SER A 78 -24.74 2.40 36.28
C SER A 78 -26.06 3.13 36.09
N GLY A 79 -26.29 3.63 34.88
CA GLY A 79 -27.58 4.24 34.59
C GLY A 79 -28.70 3.25 34.31
N HIS A 80 -28.52 1.97 34.63
CA HIS A 80 -29.48 0.93 34.27
C HIS A 80 -29.81 0.06 35.48
N LYS A 81 -31.01 -0.54 35.48
CA LYS A 81 -31.38 -1.52 36.50
C LYS A 81 -31.39 -2.93 35.98
N THR A 82 -32.19 -3.19 34.95
CA THR A 82 -32.34 -4.56 34.43
C THR A 82 -31.31 -4.91 33.36
N GLY A 83 -30.89 -3.91 32.60
CA GLY A 83 -30.04 -4.16 31.44
C GLY A 83 -30.87 -4.51 30.21
N LYS A 84 -32.10 -4.00 30.17
CA LYS A 84 -33.01 -4.18 29.03
C LYS A 84 -33.42 -2.82 28.52
N GLU A 85 -33.01 -1.78 29.24
CA GLU A 85 -33.29 -0.40 28.85
C GLU A 85 -32.64 -0.16 27.48
N LEU A 86 -31.71 -1.03 27.10
CA LEU A 86 -31.12 -0.99 25.76
C LEU A 86 -31.15 -2.38 25.13
N THR A 87 -31.52 -2.45 23.87
CA THR A 87 -31.63 -3.76 23.21
C THR A 87 -30.27 -4.25 22.73
N SER A 88 -29.63 -3.46 21.84
CA SER A 88 -28.35 -3.82 21.25
C SER A 88 -27.64 -2.60 20.70
N ILE A 89 -26.41 -2.38 21.16
CA ILE A 89 -25.64 -1.24 20.69
C ILE A 89 -24.28 -1.64 20.17
N TYR A 90 -23.79 -0.86 19.22
CA TYR A 90 -22.54 -1.16 18.55
C TYR A 90 -21.44 -0.17 18.94
N GLN A 91 -21.81 0.99 19.48
CA GLN A 91 -20.81 2.03 19.61
C GLN A 91 -21.17 3.09 20.65
N PRO A 92 -20.30 3.31 21.64
CA PRO A 92 -20.57 4.45 22.52
C PRO A 92 -19.69 5.68 22.25
N VAL A 93 -20.27 6.87 22.34
CA VAL A 93 -19.50 8.10 22.10
C VAL A 93 -19.74 9.13 23.19
N ILE A 94 -18.66 9.72 23.66
CA ILE A 94 -18.73 10.79 24.65
C ILE A 94 -18.48 12.16 23.99
N ASP A 95 -19.48 13.04 24.08
CA ASP A 95 -19.42 14.39 23.50
C ASP A 95 -18.60 15.44 24.33
N ASP A 96 -18.56 16.67 23.84
CA ASP A 96 -17.76 17.73 24.49
C ASP A 96 -18.27 18.13 25.90
N CYS A 97 -19.49 17.71 26.22
CA CYS A 97 -20.05 18.01 27.53
C CYS A 97 -20.39 16.75 28.37
N ARG A 98 -19.64 15.67 28.16
CA ARG A 98 -19.76 14.44 28.95
C ARG A 98 -21.11 13.74 28.91
N ARG A 99 -21.79 13.84 27.78
CA ARG A 99 -22.96 12.99 27.53
C ARG A 99 -22.54 11.73 26.77
N LEU A 100 -23.00 10.58 27.24
CA LEU A 100 -22.62 9.30 26.61
C LEU A 100 -23.73 8.87 25.69
N TRP A 101 -23.41 8.85 24.40
CA TRP A 101 -24.40 8.55 23.38
C TRP A 101 -24.21 7.12 22.88
N VAL A 102 -25.32 6.51 22.47
CA VAL A 102 -25.29 5.19 21.87
C VAL A 102 -26.41 5.11 20.86
N VAL A 103 -26.27 4.20 19.91
CA VAL A 103 -27.31 3.96 18.94
C VAL A 103 -27.86 2.55 19.20
N ASP A 104 -29.04 2.50 19.80
CA ASP A 104 -29.74 1.26 20.06
C ASP A 104 -30.25 0.79 18.71
N ILE A 105 -29.85 -0.40 18.32
CA ILE A 105 -30.23 -0.94 17.04
C ILE A 105 -31.71 -1.42 17.07
N GLY A 106 -32.24 -1.66 18.26
CA GLY A 106 -33.63 -2.08 18.40
C GLY A 106 -33.96 -3.56 18.25
N SER A 107 -33.02 -4.37 17.79
CA SER A 107 -33.27 -5.81 17.85
C SER A 107 -32.03 -6.66 18.00
N VAL A 108 -32.21 -7.85 18.57
CA VAL A 108 -31.14 -8.81 18.68
C VAL A 108 -30.94 -9.50 17.31
N GLU A 109 -29.81 -10.17 17.11
CA GLU A 109 -29.49 -10.75 15.80
C GLU A 109 -29.47 -12.28 15.72
N TYR A 110 -30.03 -12.97 16.69
CA TYR A 110 -30.12 -14.43 16.67
C TYR A 110 -31.60 -14.79 16.83
N ARG A 111 -31.95 -16.06 16.61
CA ARG A 111 -33.34 -16.53 16.86
C ARG A 111 -33.39 -17.50 18.01
N SER A 112 -34.47 -17.46 18.75
CA SER A 112 -34.66 -18.29 19.96
C SER A 112 -33.50 -18.13 20.94
N ARG A 113 -33.11 -19.21 21.61
CA ARG A 113 -32.08 -19.13 22.63
C ARG A 113 -32.25 -17.89 23.58
N GLY A 114 -33.48 -17.34 23.66
CA GLY A 114 -33.83 -16.25 24.60
C GLY A 114 -34.10 -14.85 24.03
N ALA A 115 -34.09 -14.75 22.71
CA ALA A 115 -34.51 -13.56 21.96
C ALA A 115 -35.84 -12.90 22.39
N LYS A 116 -36.75 -13.68 23.00
CA LYS A 116 -38.00 -13.12 23.55
C LYS A 116 -37.73 -12.16 24.72
N ASP A 117 -36.67 -12.42 25.50
CA ASP A 117 -36.23 -11.54 26.59
C ASP A 117 -35.92 -10.10 26.16
N TYR A 118 -35.50 -9.89 24.92
CA TYR A 118 -35.18 -8.53 24.45
C TYR A 118 -36.09 -8.18 23.27
N PRO A 119 -37.31 -7.70 23.60
CA PRO A 119 -38.28 -7.35 22.57
C PRO A 119 -37.77 -6.25 21.65
N SER A 120 -38.16 -6.44 20.41
CA SER A 120 -37.88 -5.57 19.31
C SER A 120 -38.61 -4.23 19.42
N HIS A 121 -38.00 -3.19 18.85
CA HIS A 121 -38.57 -1.84 18.78
C HIS A 121 -37.76 -1.08 17.74
N ARG A 122 -38.22 0.11 17.35
CA ARG A 122 -37.51 0.89 16.34
C ARG A 122 -36.17 1.35 16.89
N PRO A 123 -35.17 1.56 16.00
CA PRO A 123 -33.86 2.01 16.47
C PRO A 123 -33.97 3.38 17.13
N ALA A 124 -33.00 3.70 17.98
CA ALA A 124 -33.04 4.89 18.79
C ALA A 124 -31.67 5.45 19.02
N ILE A 125 -31.57 6.78 19.00
CA ILE A 125 -30.42 7.46 19.54
C ILE A 125 -30.75 7.80 20.98
N VAL A 126 -29.89 7.34 21.89
CA VAL A 126 -30.10 7.55 23.30
C VAL A 126 -28.84 8.18 23.84
N ALA A 127 -29.00 9.04 24.86
CA ALA A 127 -27.90 9.67 25.58
C ALA A 127 -28.16 9.81 27.07
N TYR A 128 -27.06 9.77 27.80
CA TYR A 128 -27.04 9.72 29.24
C TYR A 128 -26.10 10.81 29.69
N ASP A 129 -26.44 11.47 30.79
CA ASP A 129 -25.59 12.50 31.38
C ASP A 129 -24.71 11.89 32.48
N LEU A 130 -23.41 11.79 32.19
CA LEU A 130 -22.43 11.25 33.12
C LEU A 130 -22.06 12.24 34.22
N LYS A 131 -22.42 13.50 34.03
CA LYS A 131 -22.05 14.54 34.96
C LYS A 131 -22.90 14.42 36.21
N GLN A 132 -24.15 13.99 36.05
CA GLN A 132 -24.96 13.66 37.22
C GLN A 132 -24.70 12.21 37.62
N PRO A 133 -25.31 11.75 38.70
CA PRO A 133 -25.42 10.30 38.86
C PRO A 133 -26.87 9.84 39.21
N ASN A 134 -27.18 8.56 39.00
CA ASN A 134 -26.36 7.68 38.24
C ASN A 134 -26.89 7.74 36.84
N TYR A 135 -26.42 8.75 36.13
CA TYR A 135 -26.39 8.72 34.68
C TYR A 135 -27.82 8.71 34.11
N PRO A 136 -28.59 9.79 34.34
CA PRO A 136 -29.97 9.78 33.84
C PRO A 136 -30.07 9.91 32.31
N GLU A 137 -31.18 9.42 31.74
CA GLU A 137 -31.41 9.57 30.29
C GLU A 137 -31.77 10.99 29.88
N VAL A 138 -31.01 11.59 28.97
CA VAL A 138 -31.29 12.97 28.59
C VAL A 138 -31.75 13.14 27.14
N VAL A 139 -31.55 12.11 26.32
CA VAL A 139 -32.06 12.12 24.95
C VAL A 139 -32.54 10.73 24.64
N ARG A 140 -33.63 10.64 23.89
CA ARG A 140 -34.14 9.37 23.41
C ARG A 140 -35.00 9.66 22.19
N TYR A 141 -34.42 9.47 21.03
CA TYR A 141 -35.15 9.71 19.80
C TYR A 141 -35.27 8.43 19.00
N TYR A 142 -36.50 8.02 18.71
CA TYR A 142 -36.75 6.88 17.86
C TYR A 142 -36.75 7.29 16.39
N PHE A 143 -36.24 6.40 15.54
CA PHE A 143 -36.20 6.59 14.09
C PHE A 143 -37.62 6.51 13.50
N PRO A 144 -37.98 7.46 12.60
CA PRO A 144 -39.28 7.33 11.90
C PRO A 144 -39.25 6.18 10.88
N THR A 145 -40.38 5.52 10.67
CA THR A 145 -40.43 4.24 9.92
C THR A 145 -39.88 4.32 8.47
N ARG A 146 -40.21 5.42 7.78
CA ARG A 146 -39.80 5.66 6.38
C ARG A 146 -38.32 6.08 6.22
N LEU A 147 -37.52 5.90 7.28
CA LEU A 147 -36.08 6.26 7.30
C LEU A 147 -35.17 5.10 7.72
N VAL A 148 -35.80 4.02 8.15
CA VAL A 148 -35.08 2.81 8.50
C VAL A 148 -34.45 2.25 7.22
N GLU A 149 -33.13 2.08 7.26
CA GLU A 149 -32.34 1.58 6.13
C GLU A 149 -31.23 0.63 6.53
N LYS A 150 -31.59 -0.50 7.15
CA LYS A 150 -30.64 -1.57 7.51
C LYS A 150 -29.76 -1.28 8.73
N PRO A 151 -30.39 -1.03 9.90
CA PRO A 151 -29.78 -0.56 11.15
C PRO A 151 -28.65 -1.42 11.71
N THR A 152 -28.60 -2.65 11.26
CA THR A 152 -27.63 -3.61 11.73
C THR A 152 -26.21 -3.26 11.27
N TYR A 153 -26.13 -2.40 10.25
CA TYR A 153 -24.86 -1.99 9.65
C TYR A 153 -24.47 -0.54 9.94
N PHE A 154 -24.84 -0.05 11.11
CA PHE A 154 -24.34 1.25 11.55
C PHE A 154 -22.93 1.06 12.06
N GLY A 155 -22.07 2.02 11.75
CA GLY A 155 -20.71 2.01 12.24
C GLY A 155 -20.49 3.09 13.27
N GLY A 156 -19.39 3.83 13.13
CA GLY A 156 -19.10 4.92 14.04
C GLY A 156 -20.04 6.06 13.81
N PHE A 157 -20.09 6.97 14.78
CA PHE A 157 -20.82 8.19 14.59
C PHE A 157 -20.18 9.36 15.30
N ALA A 158 -20.62 10.54 14.95
CA ALA A 158 -20.04 11.72 15.54
C ALA A 158 -21.15 12.55 16.12
N VAL A 159 -20.85 13.17 17.25
CA VAL A 159 -21.75 14.08 17.94
C VAL A 159 -21.24 15.52 17.89
N ASP A 160 -21.91 16.32 17.07
CA ASP A 160 -21.58 17.71 16.86
C ASP A 160 -22.36 18.60 17.79
N VAL A 161 -21.64 19.18 18.74
CA VAL A 161 -22.24 20.11 19.72
C VAL A 161 -21.92 21.55 19.30
N ALA A 162 -22.95 22.30 18.90
CA ALA A 162 -22.76 23.68 18.42
C ALA A 162 -22.54 24.67 19.57
N ASN A 163 -23.03 24.34 20.75
CA ASN A 163 -22.89 25.19 21.93
C ASN A 163 -22.39 24.44 23.18
N PRO A 164 -21.09 24.09 23.21
CA PRO A 164 -20.58 23.32 24.35
C PRO A 164 -20.70 24.04 25.70
N LYS A 165 -20.53 25.36 25.73
CA LYS A 165 -20.64 26.13 26.99
C LYS A 165 -22.00 26.79 27.27
N GLY A 166 -23.07 26.15 26.80
CA GLY A 166 -24.45 26.53 27.11
C GLY A 166 -25.15 25.26 27.53
N ASP A 167 -26.40 25.07 27.09
CA ASP A 167 -27.22 23.88 27.47
C ASP A 167 -26.97 22.62 26.58
N CYS A 168 -26.07 22.78 25.60
CA CYS A 168 -25.64 21.68 24.71
C CYS A 168 -26.73 21.08 23.83
N SER A 169 -27.79 21.85 23.56
CA SER A 169 -28.99 21.34 22.88
C SER A 169 -28.96 21.53 21.36
N GLU A 170 -28.10 22.41 20.87
CA GLU A 170 -28.03 22.62 19.41
C GLU A 170 -27.11 21.60 18.77
N THR A 171 -27.57 20.37 18.80
CA THR A 171 -26.70 19.22 18.63
C THR A 171 -27.06 18.42 17.38
N PHE A 172 -26.05 18.03 16.61
CA PHE A 172 -26.27 17.15 15.49
C PHE A 172 -25.55 15.83 15.73
N VAL A 173 -26.12 14.77 15.15
CA VAL A 173 -25.49 13.46 15.19
C VAL A 173 -25.51 12.84 13.79
N TYR A 174 -24.35 12.36 13.36
CA TYR A 174 -24.20 11.80 12.04
C TYR A 174 -23.68 10.37 12.15
N ILE A 175 -24.40 9.43 11.56
CA ILE A 175 -24.19 8.03 11.84
C ILE A 175 -23.89 7.24 10.58
N THR A 176 -22.72 6.60 10.53
CA THR A 176 -22.29 5.88 9.32
C THR A 176 -23.07 4.60 9.20
N ASN A 177 -23.24 4.14 7.97
CA ASN A 177 -23.80 2.82 7.68
C ASN A 177 -22.97 2.24 6.56
N PHE A 178 -22.27 1.16 6.88
CA PHE A 178 -21.25 0.68 5.97
C PHE A 178 -21.77 -0.34 4.97
N LEU A 179 -23.04 -0.72 5.06
CA LEU A 179 -23.59 -1.64 4.05
C LEU A 179 -23.85 -0.89 2.75
N ARG A 180 -24.80 0.03 2.81
CA ARG A 180 -25.21 0.86 1.68
C ARG A 180 -24.06 1.82 1.31
N GLY A 181 -23.76 2.73 2.24
CA GLY A 181 -22.86 3.83 2.01
C GLY A 181 -23.70 5.05 2.26
N ALA A 182 -24.23 5.13 3.47
CA ALA A 182 -25.16 6.19 3.82
C ALA A 182 -24.83 6.76 5.18
N LEU A 183 -25.41 7.92 5.45
CA LEU A 183 -25.14 8.68 6.63
C LEU A 183 -26.47 9.21 7.13
N PHE A 184 -26.78 8.89 8.38
CA PHE A 184 -28.04 9.27 8.95
C PHE A 184 -27.86 10.56 9.75
N ILE A 185 -28.62 11.59 9.41
CA ILE A 185 -28.44 12.86 10.11
C ILE A 185 -29.60 13.16 11.02
N TYR A 186 -29.27 13.65 12.21
CA TYR A 186 -30.25 13.88 13.25
C TYR A 186 -30.09 15.28 13.80
N ASP A 187 -31.17 16.05 13.72
CA ASP A 187 -31.19 17.37 14.33
C ASP A 187 -31.90 17.30 15.66
N HIS A 188 -31.12 17.33 16.73
CA HIS A 188 -31.67 17.25 18.09
C HIS A 188 -32.55 18.45 18.42
N LYS A 189 -32.05 19.63 18.10
CA LYS A 189 -32.82 20.84 18.37
C LYS A 189 -34.17 20.79 17.64
N LYS A 190 -34.17 20.39 16.36
CA LYS A 190 -35.40 20.38 15.57
C LYS A 190 -36.23 19.10 15.69
N GLN A 191 -35.69 18.06 16.34
CA GLN A 191 -36.35 16.74 16.44
C GLN A 191 -36.74 16.16 15.06
N ASP A 192 -35.87 16.36 14.08
CA ASP A 192 -36.07 15.81 12.76
C ASP A 192 -34.79 15.02 12.38
N SER A 193 -34.93 14.10 11.43
CA SER A 193 -33.81 13.40 10.90
C SER A 193 -34.07 13.13 9.42
N TRP A 194 -33.00 12.87 8.68
CA TRP A 194 -33.07 12.50 7.26
C TRP A 194 -31.89 11.59 6.87
N ASN A 195 -31.92 11.06 5.65
CA ASN A 195 -30.85 10.17 5.19
C ASN A 195 -30.06 10.73 4.02
N VAL A 196 -28.75 10.57 4.04
CA VAL A 196 -27.88 11.08 2.98
C VAL A 196 -27.03 9.99 2.37
N THR A 197 -26.84 10.03 1.05
CA THR A 197 -25.93 9.08 0.39
C THR A 197 -25.06 9.84 -0.59
N HIS A 198 -23.95 9.24 -0.99
CA HIS A 198 -23.00 9.88 -1.90
C HIS A 198 -22.11 8.80 -2.53
N PRO A 199 -21.66 9.00 -3.78
CA PRO A 199 -20.79 7.94 -4.35
C PRO A 199 -19.50 7.81 -3.57
N THR A 200 -19.20 8.87 -2.83
CA THR A 200 -17.95 8.96 -2.10
C THR A 200 -17.98 8.04 -0.89
N PHE A 201 -19.19 7.74 -0.40
CA PHE A 201 -19.37 6.90 0.78
C PHE A 201 -19.15 5.42 0.50
N LYS A 202 -19.12 5.06 -0.77
CA LYS A 202 -19.09 3.66 -1.16
C LYS A 202 -17.67 3.08 -1.10
N ALA A 203 -17.56 1.75 -1.07
CA ALA A 203 -16.26 1.09 -0.95
C ALA A 203 -15.44 1.20 -2.23
N GLU A 204 -14.13 1.00 -2.12
CA GLU A 204 -13.25 0.98 -3.27
C GLU A 204 -13.01 -0.44 -3.76
N ARG A 205 -12.14 -1.17 -3.07
CA ARG A 205 -11.74 -2.54 -3.41
C ARG A 205 -12.09 -3.39 -2.18
N PRO A 206 -12.41 -4.68 -2.35
CA PRO A 206 -12.63 -5.43 -1.12
C PRO A 206 -11.34 -5.47 -0.28
N THR A 207 -11.48 -5.56 1.05
CA THR A 207 -10.35 -5.52 1.98
C THR A 207 -9.81 -6.92 2.29
N LYS A 208 -8.50 -7.09 2.17
CA LYS A 208 -7.87 -8.37 2.50
C LYS A 208 -7.61 -8.48 4.01
N PHE A 209 -8.18 -9.50 4.64
CA PHE A 209 -7.96 -9.81 6.06
C PHE A 209 -7.40 -11.20 6.28
N ASP A 210 -6.31 -11.31 7.02
CA ASP A 210 -5.68 -12.62 7.22
C ASP A 210 -6.10 -13.34 8.51
N TYR A 211 -6.68 -14.53 8.40
CA TYR A 211 -6.96 -15.35 9.58
C TYR A 211 -6.60 -16.80 9.34
N GLY A 212 -5.92 -17.41 10.31
CA GLY A 212 -5.54 -18.83 10.26
C GLY A 212 -4.71 -19.18 9.04
N GLY A 213 -3.81 -18.27 8.63
CA GLY A 213 -2.93 -18.48 7.49
C GLY A 213 -3.66 -18.56 6.16
N LYS A 214 -4.97 -18.23 6.16
CA LYS A 214 -5.76 -18.06 4.95
C LYS A 214 -6.18 -16.59 4.79
N GLU A 215 -6.56 -16.20 3.59
CA GLU A 215 -6.92 -14.81 3.33
C GLU A 215 -8.42 -14.65 3.07
N TYR A 216 -9.07 -13.81 3.86
CA TYR A 216 -10.50 -13.51 3.75
C TYR A 216 -10.75 -12.10 3.16
N GLU A 217 -11.99 -11.83 2.76
CA GLU A 217 -12.35 -10.49 2.21
C GLU A 217 -13.65 -9.94 2.81
N PHE A 218 -13.74 -8.61 2.82
CA PHE A 218 -15.03 -7.95 3.03
C PHE A 218 -15.02 -6.63 2.26
N LYS A 219 -16.22 -6.09 1.96
CA LYS A 219 -16.33 -4.82 1.20
C LYS A 219 -17.28 -3.89 1.93
N ALA A 220 -16.74 -2.92 2.67
CA ALA A 220 -17.54 -2.02 3.50
C ALA A 220 -17.51 -0.55 3.07
N GLY A 221 -18.69 0.07 3.07
CA GLY A 221 -18.80 1.53 2.93
C GLY A 221 -18.39 2.36 4.15
N ILE A 222 -18.69 3.66 4.07
CA ILE A 222 -18.43 4.66 5.13
C ILE A 222 -18.63 4.06 6.54
N PHE A 223 -17.61 4.16 7.39
CA PHE A 223 -17.55 3.35 8.61
C PHE A 223 -17.12 4.11 9.88
N GLY A 224 -16.41 5.21 9.68
CA GLY A 224 -16.04 6.08 10.79
C GLY A 224 -16.11 7.53 10.38
N ILE A 225 -16.42 8.40 11.32
CA ILE A 225 -16.54 9.81 11.08
C ILE A 225 -16.05 10.57 12.31
N THR A 226 -15.30 11.62 12.06
CA THR A 226 -14.64 12.36 13.13
C THR A 226 -14.58 13.88 12.82
N LEU A 227 -14.77 14.70 13.86
CA LEU A 227 -15.04 16.12 13.66
C LEU A 227 -13.85 17.04 13.86
N GLY A 228 -13.65 17.94 12.88
CA GLY A 228 -12.52 18.85 12.87
C GLY A 228 -12.70 20.11 13.69
N ASP A 229 -11.83 21.09 13.46
CA ASP A 229 -11.80 22.32 14.26
C ASP A 229 -12.87 23.32 13.88
N ARG A 230 -13.71 23.65 14.86
CA ARG A 230 -14.74 24.68 14.72
C ARG A 230 -14.24 26.09 14.27
N ASP A 231 -14.80 26.60 13.17
CA ASP A 231 -14.49 27.95 12.70
C ASP A 231 -15.13 29.07 13.55
N SER A 232 -15.20 30.28 12.99
CA SER A 232 -15.70 31.46 13.72
C SER A 232 -17.11 31.22 14.22
N GLU A 233 -17.87 30.43 13.45
CA GLU A 233 -19.33 30.45 13.54
C GLU A 233 -20.03 29.09 13.75
N GLY A 234 -19.27 28.08 14.19
CA GLY A 234 -19.88 26.79 14.57
C GLY A 234 -19.57 25.57 13.70
N ASN A 235 -19.35 25.77 12.40
CA ASN A 235 -19.16 24.68 11.45
C ASN A 235 -17.75 24.12 11.45
N ARG A 236 -17.56 22.96 10.81
CA ARG A 236 -16.28 22.23 10.85
C ARG A 236 -16.19 21.18 9.77
N PRO A 237 -14.94 20.78 9.44
CA PRO A 237 -14.75 19.58 8.62
C PRO A 237 -15.17 18.31 9.39
N ALA A 238 -15.84 17.40 8.70
CA ALA A 238 -16.10 16.10 9.26
C ALA A 238 -15.39 15.11 8.36
N TYR A 239 -14.27 14.56 8.84
CA TYR A 239 -13.52 13.57 8.04
C TYR A 239 -14.10 12.16 8.19
N TYR A 240 -14.32 11.51 7.06
CA TYR A 240 -14.80 10.17 7.07
C TYR A 240 -14.01 9.32 6.11
N LEU A 241 -14.02 8.01 6.36
CA LEU A 241 -13.37 7.04 5.49
C LEU A 241 -14.27 5.82 5.37
N ALA A 242 -14.10 5.06 4.30
CA ALA A 242 -14.76 3.78 4.20
C ALA A 242 -13.82 2.70 4.67
N GLY A 243 -14.39 1.70 5.33
CA GLY A 243 -13.67 0.50 5.77
C GLY A 243 -12.85 -0.07 4.64
N SER A 244 -13.50 -0.29 3.50
CA SER A 244 -12.82 -0.91 2.39
C SER A 244 -12.25 0.10 1.40
N ALA A 245 -11.35 0.92 1.92
CA ALA A 245 -10.90 2.06 1.17
C ALA A 245 -9.62 2.56 1.79
N ILE A 246 -8.82 3.25 0.97
CA ILE A 246 -7.65 3.97 1.44
C ILE A 246 -7.74 5.50 1.24
N LYS A 247 -8.86 5.97 0.67
CA LYS A 247 -9.09 7.41 0.59
C LYS A 247 -9.76 7.96 1.84
N VAL A 248 -9.65 9.28 2.02
CA VAL A 248 -10.22 10.01 3.17
C VAL A 248 -10.82 11.35 2.70
N TYR A 249 -11.95 11.73 3.27
CA TYR A 249 -12.67 12.90 2.77
C TYR A 249 -13.04 13.83 3.90
N SER A 250 -13.24 15.12 3.60
CA SER A 250 -13.92 16.03 4.53
C SER A 250 -15.08 16.74 3.84
N VAL A 251 -16.28 16.51 4.36
CA VAL A 251 -17.42 17.32 3.99
C VAL A 251 -17.60 18.34 5.10
N ASN A 252 -18.14 19.51 4.79
CA ASN A 252 -18.37 20.49 5.84
C ASN A 252 -19.70 20.28 6.57
N THR A 253 -19.68 20.34 7.90
CA THR A 253 -20.88 20.13 8.73
C THR A 253 -22.03 21.08 8.41
N LYS A 254 -21.73 22.18 7.73
CA LYS A 254 -22.74 23.17 7.31
C LYS A 254 -23.55 22.70 6.09
N GLU A 255 -22.90 22.01 5.16
CA GLU A 255 -23.61 21.34 4.07
C GLU A 255 -24.45 20.19 4.63
N LEU A 256 -23.96 19.53 5.69
CA LEU A 256 -24.63 18.37 6.27
C LEU A 256 -25.91 18.72 7.02
N LYS A 257 -25.85 19.81 7.79
CA LYS A 257 -26.94 20.23 8.68
C LYS A 257 -28.20 20.62 7.90
N GLN A 258 -28.02 20.86 6.59
CA GLN A 258 -29.10 21.31 5.72
C GLN A 258 -29.87 20.17 5.07
N LYS A 259 -31.03 19.85 5.65
CA LYS A 259 -31.96 18.82 5.14
C LYS A 259 -32.11 18.94 3.63
N GLY A 260 -31.93 17.83 2.92
CA GLY A 260 -32.03 17.80 1.47
C GLY A 260 -31.08 18.74 0.71
N GLY A 261 -30.02 19.22 1.37
CA GLY A 261 -28.98 20.01 0.69
C GLY A 261 -28.13 19.19 -0.26
N LYS A 262 -27.33 19.87 -1.08
CA LYS A 262 -26.36 19.22 -1.94
C LYS A 262 -25.10 19.04 -1.11
N LEU A 263 -24.31 18.02 -1.44
CA LEU A 263 -23.08 17.79 -0.73
C LEU A 263 -21.87 17.88 -1.64
N ASN A 264 -20.84 18.58 -1.17
CA ASN A 264 -19.56 18.66 -1.90
C ASN A 264 -18.37 18.26 -1.05
N PRO A 265 -18.05 16.95 -1.07
CA PRO A 265 -17.00 16.37 -0.27
C PRO A 265 -15.67 16.53 -0.94
N GLU A 266 -14.64 16.78 -0.14
CA GLU A 266 -13.30 17.03 -0.66
C GLU A 266 -12.40 15.80 -0.50
N LEU A 267 -11.95 15.25 -1.62
CA LEU A 267 -10.96 14.15 -1.65
C LEU A 267 -9.64 14.73 -1.15
N LEU A 268 -8.74 13.93 -0.56
CA LEU A 268 -7.59 14.56 0.06
C LEU A 268 -6.28 13.87 0.48
N GLY A 269 -5.83 12.76 -0.09
CA GLY A 269 -6.53 11.95 -1.04
C GLY A 269 -6.49 10.56 -0.46
N ASN A 270 -5.31 9.98 -0.25
CA ASN A 270 -5.21 8.58 0.23
C ASN A 270 -4.02 8.22 1.13
N ARG A 271 -4.01 6.97 1.63
CA ARG A 271 -3.12 6.54 2.72
C ARG A 271 -2.15 5.43 2.36
N GLY A 272 -2.09 5.04 1.09
CA GLY A 272 -1.22 3.95 0.66
C GLY A 272 -1.95 2.63 0.68
N LYS A 273 -1.63 1.72 -0.25
CA LYS A 273 -2.40 0.47 -0.40
C LYS A 273 -2.30 -0.46 0.81
N TYR A 274 -3.37 -1.23 1.04
CA TYR A 274 -3.51 -2.22 2.13
C TYR A 274 -3.69 -1.71 3.58
N ASN A 275 -3.98 -0.43 3.75
CA ASN A 275 -4.05 0.20 5.08
C ASN A 275 -5.48 0.53 5.42
N ASP A 276 -6.41 -0.14 4.75
CA ASP A 276 -7.81 -0.08 5.11
C ASP A 276 -7.94 -0.04 6.60
N ALA A 277 -8.70 0.95 7.08
CA ALA A 277 -9.13 1.10 8.48
C ALA A 277 -10.65 1.27 8.59
N ILE A 278 -11.24 0.91 9.73
CA ILE A 278 -12.68 1.14 9.90
C ILE A 278 -12.93 2.24 10.91
N ALA A 279 -11.87 2.73 11.54
CA ALA A 279 -12.02 3.65 12.65
C ALA A 279 -10.94 4.71 12.62
N LEU A 280 -11.34 5.94 12.95
CA LEU A 280 -10.44 7.11 12.87
C LEU A 280 -10.91 8.15 13.85
N ALA A 281 -9.98 8.87 14.47
CA ALA A 281 -10.38 9.96 15.33
C ALA A 281 -9.40 11.15 15.25
N TYR A 282 -9.97 12.35 15.16
CA TYR A 282 -9.24 13.63 15.09
C TYR A 282 -8.86 14.11 16.46
N ASP A 283 -7.58 14.37 16.67
CA ASP A 283 -7.14 15.00 17.92
C ASP A 283 -7.02 16.50 17.75
N PRO A 284 -7.81 17.26 18.53
CA PRO A 284 -7.76 18.74 18.40
C PRO A 284 -6.42 19.38 18.84
N LYS A 285 -5.77 18.83 19.86
CA LYS A 285 -4.45 19.31 20.30
C LYS A 285 -3.36 19.31 19.22
N THR A 286 -3.12 18.18 18.55
CA THR A 286 -2.03 18.09 17.54
C THR A 286 -2.53 18.22 16.09
N LYS A 287 -3.83 18.08 15.91
CA LYS A 287 -4.48 18.17 14.59
C LYS A 287 -4.19 16.93 13.75
N VAL A 288 -3.88 15.83 14.44
CA VAL A 288 -3.59 14.56 13.78
C VAL A 288 -4.85 13.72 13.68
N ILE A 289 -4.93 12.89 12.65
CA ILE A 289 -5.98 11.92 12.59
C ILE A 289 -5.30 10.59 12.79
N PHE A 290 -5.75 9.87 13.80
CA PHE A 290 -5.23 8.52 14.07
C PHE A 290 -6.14 7.49 13.41
N PHE A 291 -5.54 6.41 12.93
CA PHE A 291 -6.29 5.36 12.24
C PHE A 291 -5.99 4.00 12.83
N ALA A 292 -7.04 3.29 13.23
CA ALA A 292 -6.92 1.96 13.74
C ALA A 292 -7.27 1.03 12.60
N GLU A 293 -6.26 0.28 12.15
CA GLU A 293 -6.29 -0.47 10.88
C GLU A 293 -6.72 -1.96 10.99
N ALA A 294 -7.31 -2.50 9.91
CA ALA A 294 -7.84 -3.88 9.87
C ALA A 294 -6.81 -5.00 9.82
N ASN A 295 -5.84 -4.88 8.92
CA ASN A 295 -5.00 -6.03 8.67
C ASN A 295 -3.54 -5.76 8.93
N THR A 296 -3.19 -4.50 9.13
CA THR A 296 -1.78 -4.11 9.22
C THR A 296 -1.25 -4.28 10.63
N LYS A 297 -2.11 -4.67 11.56
CA LYS A 297 -1.71 -4.80 12.95
C LYS A 297 -1.12 -3.50 13.52
N GLN A 298 -1.53 -2.33 12.98
CA GLN A 298 -0.97 -1.02 13.38
C GLN A 298 -1.97 0.13 13.51
N VAL A 299 -1.62 1.12 14.32
CA VAL A 299 -2.34 2.39 14.35
C VAL A 299 -1.47 3.45 13.70
N SER A 300 -2.01 4.15 12.70
CA SER A 300 -1.25 5.11 11.90
C SER A 300 -1.79 6.50 12.11
N CYS A 301 -1.04 7.51 11.67
CA CYS A 301 -1.45 8.90 11.84
C CYS A 301 -1.16 9.75 10.62
N TRP A 302 -1.93 10.81 10.48
CA TRP A 302 -1.67 11.84 9.52
C TRP A 302 -2.02 13.18 10.12
N ASN A 303 -1.08 14.12 9.98
CA ASN A 303 -1.29 15.49 10.39
C ASN A 303 -2.23 16.17 9.40
N THR A 304 -3.41 16.66 9.83
CA THR A 304 -4.31 17.38 8.90
C THR A 304 -3.62 18.58 8.22
N GLN A 305 -2.70 19.22 8.93
CA GLN A 305 -2.02 20.42 8.44
C GLN A 305 -1.01 20.13 7.31
N LYS A 306 -0.39 18.95 7.33
CA LYS A 306 0.48 18.52 6.20
C LYS A 306 -0.31 18.09 4.96
N MET A 307 -1.03 19.03 4.36
CA MET A 307 -1.71 18.84 3.07
C MET A 307 -0.66 18.65 1.95
N PRO A 308 -0.92 17.77 0.95
CA PRO A 308 -2.03 16.85 0.75
C PRO A 308 -1.68 15.49 1.38
N LEU A 309 -2.68 14.60 1.50
CA LEU A 309 -2.48 13.30 2.16
C LEU A 309 -2.03 12.18 1.21
N ARG A 310 -0.87 11.60 1.52
CA ARG A 310 -0.33 10.39 0.88
C ARG A 310 0.50 9.66 1.93
N MET A 311 0.82 8.41 1.64
CA MET A 311 1.56 7.58 2.56
C MET A 311 2.83 8.25 3.12
N LYS A 312 3.58 8.94 2.27
CA LYS A 312 4.81 9.64 2.68
C LYS A 312 4.56 10.65 3.80
N ASN A 313 3.34 11.16 3.88
CA ASN A 313 2.92 12.12 4.90
C ASN A 313 2.17 11.49 6.07
N THR A 314 2.24 10.16 6.18
CA THR A 314 1.69 9.39 7.32
C THR A 314 2.81 8.63 8.05
N ASP A 315 2.64 8.41 9.36
CA ASP A 315 3.54 7.53 10.11
C ASP A 315 2.72 6.51 10.96
N VAL A 316 3.39 5.74 11.82
CA VAL A 316 2.78 4.66 12.58
C VAL A 316 3.04 4.94 14.07
N VAL A 317 2.01 4.91 14.93
CA VAL A 317 2.18 5.17 16.35
C VAL A 317 2.04 3.93 17.27
N TYR A 318 1.67 2.76 16.72
CA TYR A 318 1.55 1.51 17.47
C TYR A 318 1.71 0.30 16.54
N THR A 319 2.50 -0.69 16.96
CA THR A 319 2.63 -1.96 16.22
C THR A 319 2.55 -3.11 17.22
N SER A 320 1.73 -4.10 16.92
CA SER A 320 1.79 -5.30 17.72
C SER A 320 1.24 -6.44 16.92
N SER A 321 2.00 -7.54 16.86
CA SER A 321 1.53 -8.69 16.14
C SER A 321 0.21 -9.24 16.70
N ARG A 322 -0.23 -8.75 17.86
CA ARG A 322 -1.49 -9.19 18.47
C ARG A 322 -2.63 -8.16 18.30
N PHE A 323 -2.35 -7.07 17.59
CA PHE A 323 -3.38 -6.08 17.29
C PHE A 323 -4.18 -6.46 16.04
N VAL A 324 -4.92 -7.57 16.15
CA VAL A 324 -5.72 -8.12 15.05
C VAL A 324 -7.09 -7.47 14.96
N PHE A 325 -7.38 -6.91 13.79
CA PHE A 325 -8.55 -6.11 13.53
C PHE A 325 -8.82 -4.97 14.51
N GLY A 326 -8.30 -3.79 14.18
CA GLY A 326 -8.63 -2.55 14.90
C GLY A 326 -10.09 -2.22 14.61
N THR A 327 -10.87 -1.84 15.62
CA THR A 327 -12.30 -1.63 15.46
C THR A 327 -12.81 -0.31 16.05
N ASP A 328 -11.96 0.41 16.75
CA ASP A 328 -12.42 1.64 17.35
C ASP A 328 -11.20 2.39 17.77
N ILE A 329 -11.34 3.71 17.84
CA ILE A 329 -10.27 4.58 18.25
C ILE A 329 -10.90 5.93 18.57
N SER A 330 -10.44 6.59 19.62
CA SER A 330 -10.94 7.93 19.92
C SER A 330 -9.99 8.63 20.88
N VAL A 331 -10.12 9.96 20.97
CA VAL A 331 -9.32 10.72 21.92
C VAL A 331 -10.13 11.05 23.17
N ASP A 332 -9.56 10.88 24.37
CA ASP A 332 -10.27 11.21 25.60
C ASP A 332 -10.32 12.75 25.93
N SER A 333 -10.93 13.15 27.04
CA SER A 333 -11.01 14.56 27.44
C SER A 333 -9.64 15.10 27.78
N LYS A 334 -8.79 14.24 28.33
CA LYS A 334 -7.50 14.69 28.81
C LYS A 334 -6.45 14.39 27.76
N GLY A 335 -6.88 14.32 26.50
CA GLY A 335 -5.97 14.07 25.37
C GLY A 335 -5.27 12.72 25.29
N GLY A 336 -5.79 11.72 26.02
CA GLY A 336 -5.34 10.32 25.89
C GLY A 336 -5.81 9.71 24.57
N LEU A 337 -4.90 9.01 23.86
CA LEU A 337 -5.26 8.30 22.64
C LEU A 337 -5.62 6.83 22.93
N TRP A 338 -6.86 6.44 22.62
CA TRP A 338 -7.40 5.09 22.90
C TRP A 338 -7.65 4.29 21.63
N PHE A 339 -7.12 3.07 21.55
CA PHE A 339 -7.43 2.21 20.38
C PHE A 339 -7.80 0.77 20.74
N MET A 340 -8.71 0.16 19.95
CA MET A 340 -9.26 -1.20 20.23
C MET A 340 -9.24 -2.16 19.02
N SER A 341 -8.87 -3.41 19.30
CA SER A 341 -8.98 -4.50 18.37
C SER A 341 -9.75 -5.60 19.03
N ASN A 342 -10.30 -6.51 18.20
CA ASN A 342 -11.16 -7.59 18.70
C ASN A 342 -11.12 -8.81 17.77
N GLY A 343 -10.35 -8.69 16.71
CA GLY A 343 -10.30 -9.78 15.75
C GLY A 343 -11.70 -10.19 15.30
N PHE A 344 -12.58 -9.20 15.11
CA PHE A 344 -13.95 -9.38 14.65
C PHE A 344 -14.36 -8.50 13.43
N PRO A 345 -13.79 -8.77 12.24
CA PRO A 345 -14.16 -8.01 11.03
C PRO A 345 -15.51 -8.47 10.45
N PRO A 346 -16.13 -7.65 9.58
CA PRO A 346 -17.44 -8.00 8.98
C PRO A 346 -17.39 -9.08 7.86
N ILE A 347 -17.01 -10.30 8.24
CA ILE A 347 -16.93 -11.44 7.34
C ILE A 347 -17.85 -12.57 7.87
N ARG A 348 -18.38 -13.39 6.98
CA ARG A 348 -19.26 -14.46 7.43
C ARG A 348 -18.46 -15.40 8.29
N LYS A 349 -18.99 -15.68 9.48
CA LYS A 349 -18.42 -16.66 10.44
C LYS A 349 -17.31 -16.11 11.32
N SER A 350 -17.17 -14.79 11.34
CA SER A 350 -16.01 -14.20 11.96
C SER A 350 -16.11 -14.18 13.46
N GLU A 351 -17.33 -14.34 13.96
CA GLU A 351 -17.56 -14.46 15.41
C GLU A 351 -16.81 -15.67 15.95
N LYS A 352 -16.59 -16.67 15.10
CA LYS A 352 -16.01 -17.92 15.52
C LYS A 352 -14.49 -17.96 15.37
N PHE A 353 -13.91 -16.83 14.98
CA PHE A 353 -12.46 -16.70 14.89
C PHE A 353 -11.89 -16.76 16.28
N LYS A 354 -10.73 -17.39 16.42
CA LYS A 354 -10.09 -17.41 17.72
C LYS A 354 -8.58 -17.26 17.64
N TYR A 355 -7.97 -16.81 18.73
CA TYR A 355 -6.56 -16.46 18.76
C TYR A 355 -5.87 -17.12 19.97
N ASP A 356 -4.62 -17.49 19.79
CA ASP A 356 -3.78 -17.96 20.89
C ASP A 356 -3.55 -16.88 21.94
N PHE A 357 -3.43 -15.64 21.55
CA PHE A 357 -3.38 -14.52 22.48
C PHE A 357 -4.77 -13.95 22.77
N PRO A 358 -4.92 -13.06 23.78
CA PRO A 358 -6.24 -12.49 24.08
C PRO A 358 -6.83 -11.68 22.93
N ARG A 359 -8.07 -11.98 22.61
CA ARG A 359 -8.78 -11.45 21.46
C ARG A 359 -9.03 -9.95 21.59
N TYR A 360 -9.41 -9.55 22.81
CA TYR A 360 -9.89 -8.20 23.08
C TYR A 360 -8.80 -7.33 23.66
N ARG A 361 -8.41 -6.31 22.88
CA ARG A 361 -7.30 -5.41 23.21
C ARG A 361 -7.69 -3.93 23.18
N LEU A 362 -7.59 -3.33 24.36
CA LEU A 362 -7.81 -1.88 24.55
C LEU A 362 -6.55 -1.22 25.12
N MET A 363 -5.94 -0.35 24.33
CA MET A 363 -4.69 0.27 24.74
C MET A 363 -4.90 1.78 24.73
N ARG A 364 -4.27 2.47 25.68
CA ARG A 364 -4.25 3.93 25.65
C ARG A 364 -2.82 4.41 25.65
N ILE A 365 -2.49 5.33 24.73
CA ILE A 365 -1.23 6.11 24.78
C ILE A 365 -1.51 7.39 25.58
N MET A 366 -0.61 7.71 26.52
CA MET A 366 -0.85 8.70 27.58
C MET A 366 -1.25 10.08 27.05
N ASP A 367 -0.48 10.53 26.04
CA ASP A 367 -0.66 11.80 25.34
C ASP A 367 -0.44 11.61 23.83
N THR A 368 -1.35 12.15 23.04
CA THR A 368 -1.16 12.28 21.60
C THR A 368 0.21 12.87 21.23
N GLN A 369 0.76 13.78 22.03
CA GLN A 369 2.07 14.35 21.69
C GLN A 369 3.22 13.34 21.88
N GLU A 370 3.25 12.65 23.00
CA GLU A 370 4.20 11.54 23.21
C GLU A 370 4.10 10.50 22.06
N ALA A 371 2.87 10.28 21.57
CA ALA A 371 2.59 9.36 20.45
C ALA A 371 3.33 9.76 19.17
N ILE A 372 3.12 10.99 18.71
CA ILE A 372 3.65 11.43 17.43
C ILE A 372 5.16 11.84 17.41
N ALA A 373 5.77 11.93 18.58
CA ALA A 373 7.21 12.21 18.76
C ALA A 373 8.09 12.15 17.51
N GLY A 374 8.84 11.07 17.36
CA GLY A 374 9.88 11.00 16.32
C GLY A 374 9.39 10.99 14.88
N THR A 375 8.12 11.35 14.65
CA THR A 375 7.38 10.92 13.45
C THR A 375 6.89 12.02 12.53
N ALA A 376 6.72 11.63 11.27
CA ALA A 376 6.17 12.44 10.17
C ALA A 376 4.80 13.04 10.51
N CYS A 377 4.42 12.93 11.76
CA CYS A 377 3.13 13.42 12.14
C CYS A 377 3.32 14.65 13.03
N ASP A 378 4.52 14.84 13.59
CA ASP A 378 4.73 15.88 14.62
C ASP A 378 4.93 17.30 14.10
N MET A 379 4.67 18.32 14.94
CA MET A 379 4.78 19.73 14.47
C MET A 379 6.08 19.92 13.70
N ASN A 380 7.21 19.94 14.40
CA ASN A 380 8.53 20.08 13.77
C ASN A 380 8.78 19.23 12.50
N ALA A 381 9.12 19.96 11.42
CA ALA A 381 9.44 19.45 10.07
C ALA A 381 9.33 20.65 9.12
N ALA B 1 28.42 -20.90 -24.26
CA ALA B 1 27.87 -22.02 -23.44
C ALA B 1 28.46 -21.96 -22.01
N ASP B 2 29.73 -21.55 -21.89
CA ASP B 2 30.31 -21.23 -20.55
C ASP B 2 29.77 -19.91 -20.03
N THR B 3 29.71 -19.75 -18.71
CA THR B 3 29.43 -18.44 -18.16
C THR B 3 30.38 -18.08 -17.04
N GLN B 4 30.31 -16.80 -16.68
CA GLN B 4 31.00 -16.25 -15.54
C GLN B 4 30.06 -15.19 -15.04
N GLY B 5 30.12 -14.88 -13.74
CA GLY B 5 29.27 -13.86 -13.17
C GLY B 5 29.26 -13.85 -11.65
N TYR B 6 28.09 -13.61 -11.07
CA TYR B 6 27.93 -13.47 -9.64
C TYR B 6 26.60 -14.04 -9.19
N LYS B 7 26.60 -14.59 -7.97
CA LYS B 7 25.45 -15.23 -7.33
C LYS B 7 25.42 -14.76 -5.87
N TRP B 8 24.31 -14.19 -5.43
CA TRP B 8 24.21 -13.77 -4.04
C TRP B 8 23.01 -14.41 -3.37
N LYS B 9 23.25 -15.04 -2.22
CA LYS B 9 22.19 -15.44 -1.30
C LYS B 9 21.46 -14.20 -0.79
N GLN B 10 22.22 -13.19 -0.38
CA GLN B 10 21.68 -11.88 -0.04
C GLN B 10 22.54 -10.79 -0.62
N LEU B 11 21.94 -9.65 -0.86
CA LEU B 11 22.70 -8.49 -1.25
C LEU B 11 23.17 -7.79 0.01
N LEU B 12 24.34 -8.17 0.52
CA LEU B 12 25.01 -7.43 1.61
C LEU B 12 25.82 -6.20 1.11
N TYR B 13 25.86 -5.14 1.93
CA TYR B 13 26.53 -3.88 1.55
C TYR B 13 27.84 -3.69 2.30
N ASN B 14 28.79 -3.05 1.63
CA ASN B 14 30.08 -2.68 2.19
C ASN B 14 29.96 -1.42 3.01
N ASN B 15 30.75 -1.35 4.09
CA ASN B 15 30.87 -0.12 4.86
C ASN B 15 29.55 0.39 5.44
N VAL B 16 28.70 -0.50 5.90
CA VAL B 16 27.38 -0.13 6.42
C VAL B 16 27.21 -0.95 7.69
N THR B 17 26.99 -0.31 8.83
CA THR B 17 26.81 -1.04 10.11
C THR B 17 26.03 -2.37 9.94
N PRO B 18 26.69 -3.51 10.26
CA PRO B 18 25.89 -4.75 10.26
C PRO B 18 24.71 -4.56 11.21
N GLY B 19 23.52 -4.99 10.78
CA GLY B 19 22.31 -4.82 11.60
C GLY B 19 21.50 -3.57 11.28
N SER B 20 22.14 -2.58 10.66
CA SER B 20 21.45 -1.36 10.26
C SER B 20 20.48 -1.55 9.10
N TYR B 21 20.38 -2.77 8.54
CA TYR B 21 19.36 -3.11 7.53
C TYR B 21 19.15 -4.62 7.43
N ASN B 22 17.99 -5.06 6.90
CA ASN B 22 17.74 -6.48 6.67
C ASN B 22 18.15 -7.05 5.30
N PRO B 23 19.17 -7.93 5.26
CA PRO B 23 19.69 -8.33 3.92
C PRO B 23 18.61 -8.89 3.00
N ASP B 24 17.70 -9.66 3.57
CA ASP B 24 16.58 -10.24 2.84
C ASP B 24 15.73 -9.19 2.13
N ASN B 25 15.60 -8.01 2.72
CA ASN B 25 14.89 -6.91 2.08
C ASN B 25 15.62 -6.27 0.94
N MET B 26 16.87 -6.66 0.72
CA MET B 26 17.64 -6.02 -0.33
C MET B 26 17.34 -6.76 -1.62
N ILE B 27 16.38 -6.21 -2.38
CA ILE B 27 15.90 -6.86 -3.60
C ILE B 27 16.26 -6.05 -4.85
N SER B 28 17.11 -6.64 -5.69
CA SER B 28 17.65 -5.98 -6.83
C SER B 28 16.88 -6.42 -8.07
N THR B 29 16.52 -5.47 -8.92
CA THR B 29 15.54 -5.78 -9.95
C THR B 29 16.13 -5.67 -11.33
N ALA B 30 17.32 -5.05 -11.41
CA ALA B 30 17.97 -4.74 -12.66
C ALA B 30 19.45 -4.37 -12.50
N PHE B 31 20.20 -4.29 -13.58
CA PHE B 31 21.60 -3.96 -13.48
C PHE B 31 22.04 -3.29 -14.77
N ALA B 32 23.28 -2.81 -14.78
CA ALA B 32 23.99 -2.38 -15.99
C ALA B 32 25.50 -2.57 -15.82
N TYR B 33 26.12 -3.19 -16.82
CA TYR B 33 27.56 -3.36 -16.80
C TYR B 33 28.30 -2.37 -17.74
N ASP B 34 29.33 -1.72 -17.19
CA ASP B 34 30.18 -0.81 -17.92
C ASP B 34 31.47 -1.55 -18.19
N ALA B 35 31.53 -2.18 -19.36
CA ALA B 35 32.68 -2.96 -19.78
C ALA B 35 34.01 -2.18 -19.75
N GLU B 36 34.01 -0.94 -20.23
CA GLU B 36 35.28 -0.18 -20.27
C GLU B 36 35.79 0.15 -18.89
N GLY B 37 34.87 0.55 -18.00
CA GLY B 37 35.21 0.96 -16.63
C GLY B 37 35.40 -0.18 -15.65
N GLU B 38 35.06 -1.38 -16.11
CA GLU B 38 34.89 -2.58 -15.23
C GLU B 38 33.99 -2.36 -13.98
N LYS B 39 32.84 -1.71 -14.19
CA LYS B 39 31.92 -1.41 -13.08
C LYS B 39 30.54 -2.00 -13.32
N LEU B 40 30.01 -2.57 -12.25
CA LEU B 40 28.66 -3.12 -12.27
C LEU B 40 27.74 -2.24 -11.46
N PHE B 41 26.64 -1.81 -12.08
CA PHE B 41 25.63 -1.09 -11.33
C PHE B 41 24.40 -1.95 -11.16
N LEU B 42 23.91 -1.99 -9.91
CA LEU B 42 22.72 -2.72 -9.55
C LEU B 42 21.64 -1.76 -9.06
N ALA B 43 20.40 -2.02 -9.46
CA ALA B 43 19.30 -1.23 -8.93
C ALA B 43 18.72 -2.05 -7.81
N VAL B 44 18.63 -1.43 -6.65
CA VAL B 44 17.93 -1.98 -5.53
C VAL B 44 16.84 -0.96 -5.15
N PRO B 45 15.61 -1.11 -5.70
CA PRO B 45 14.51 -0.17 -5.40
C PRO B 45 14.23 -0.11 -3.94
N ARG B 46 13.84 1.07 -3.44
CA ARG B 46 13.53 1.24 -2.00
C ARG B 46 12.08 0.82 -1.71
N LYS B 47 11.85 -0.47 -1.87
CA LYS B 47 10.53 -1.07 -1.79
C LYS B 47 10.24 -1.50 -0.34
N LEU B 48 11.31 -1.71 0.43
CA LEU B 48 11.21 -2.02 1.85
C LEU B 48 12.26 -1.18 2.60
N PRO B 49 12.15 -1.04 3.93
CA PRO B 49 13.22 -0.38 4.68
C PRO B 49 14.46 -1.29 4.74
N ARG B 50 15.65 -0.82 5.08
CA ARG B 50 16.05 0.52 4.99
C ARG B 50 17.23 0.35 3.96
N VAL B 51 16.93 0.55 2.68
CA VAL B 51 17.92 0.29 1.65
C VAL B 51 19.04 1.36 1.63
N PRO B 52 20.30 0.95 1.93
CA PRO B 52 21.35 1.95 2.20
C PRO B 52 21.56 2.78 0.97
N TYR B 53 21.76 2.11 -0.17
CA TYR B 53 21.87 2.79 -1.39
C TYR B 53 21.02 2.07 -2.42
N THR B 54 20.20 2.83 -3.13
CA THR B 54 19.31 2.33 -4.20
C THR B 54 20.03 2.14 -5.55
N LEU B 55 21.20 2.75 -5.67
CA LEU B 55 22.08 2.54 -6.84
C LEU B 55 23.41 2.02 -6.31
N ALA B 56 23.67 0.75 -6.52
CA ALA B 56 24.82 0.16 -5.87
C ALA B 56 25.85 -0.11 -6.92
N GLU B 57 27.11 -0.12 -6.52
CA GLU B 57 28.18 -0.41 -7.47
C GLU B 57 29.18 -1.44 -7.00
N VAL B 58 29.69 -2.24 -7.95
CA VAL B 58 30.78 -3.18 -7.70
C VAL B 58 31.85 -3.09 -8.76
N ASP B 59 33.09 -2.98 -8.32
CA ASP B 59 34.23 -2.95 -9.22
C ASP B 59 34.55 -4.41 -9.51
N THR B 60 34.47 -4.79 -10.79
CA THR B 60 34.61 -6.20 -11.15
C THR B 60 36.04 -6.66 -11.49
N LYS B 61 36.97 -5.73 -11.69
CA LYS B 61 38.34 -6.10 -12.09
C LYS B 61 38.92 -7.28 -11.29
N ASN B 62 38.91 -7.18 -9.98
CA ASN B 62 39.43 -8.25 -9.13
C ASN B 62 38.51 -9.50 -9.03
N SER B 63 37.30 -9.43 -9.60
CA SER B 63 36.19 -10.38 -9.26
C SER B 63 35.81 -11.35 -10.37
N LEU B 64 35.36 -10.78 -11.48
CA LEU B 64 34.56 -11.46 -12.50
C LEU B 64 34.81 -12.94 -12.87
N GLY B 65 36.04 -13.39 -13.01
CA GLY B 65 36.26 -14.82 -13.30
C GLY B 65 36.81 -15.65 -12.14
N VAL B 66 36.92 -15.05 -10.96
CA VAL B 66 37.80 -15.56 -9.89
C VAL B 66 37.12 -16.44 -8.84
N LYS B 67 37.86 -17.42 -8.35
CA LYS B 67 37.31 -18.49 -7.50
C LYS B 67 37.06 -18.06 -6.05
N GLY B 68 35.81 -18.21 -5.61
CA GLY B 68 35.40 -17.72 -4.31
C GLY B 68 35.26 -16.20 -4.24
N LYS B 69 35.25 -15.51 -5.38
CA LYS B 69 34.88 -14.10 -5.40
C LYS B 69 33.49 -13.95 -6.02
N HIS B 70 32.62 -14.94 -5.78
CA HIS B 70 31.31 -14.99 -6.44
C HIS B 70 30.26 -14.04 -5.83
N SER B 71 30.46 -13.57 -4.59
CA SER B 71 29.47 -12.70 -3.93
C SER B 71 30.04 -11.39 -3.45
N PRO B 72 30.36 -10.46 -4.35
CA PRO B 72 30.97 -9.25 -3.85
C PRO B 72 29.97 -8.38 -3.07
N LEU B 73 30.48 -7.59 -2.13
CA LEU B 73 29.67 -6.64 -1.37
C LEU B 73 29.30 -5.46 -2.25
N LEU B 74 28.10 -4.93 -2.08
CA LEU B 74 27.71 -3.75 -2.84
C LEU B 74 28.27 -2.49 -2.18
N ASN B 75 28.63 -1.51 -3.00
CA ASN B 75 29.08 -0.23 -2.48
C ASN B 75 28.14 0.89 -2.87
N LYS B 76 28.10 1.97 -2.09
CA LYS B 76 27.53 3.23 -2.57
C LYS B 76 28.02 3.53 -4.01
N PHE B 77 27.21 4.22 -4.81
CA PHE B 77 27.60 4.70 -6.13
C PHE B 77 28.69 5.73 -5.92
N SER B 78 29.71 5.71 -6.77
CA SER B 78 30.79 6.69 -6.67
C SER B 78 30.38 8.14 -6.99
N GLY B 79 29.30 8.35 -7.75
CA GLY B 79 28.79 9.71 -8.02
C GLY B 79 27.98 10.35 -6.86
N HIS B 80 27.99 9.71 -5.68
CA HIS B 80 27.17 10.12 -4.51
C HIS B 80 28.00 10.26 -3.19
N LYS B 81 27.58 11.15 -2.28
CA LYS B 81 28.15 11.23 -0.90
C LYS B 81 27.22 10.53 0.11
N THR B 82 25.98 11.01 0.20
CA THR B 82 25.08 10.51 1.22
C THR B 82 24.45 9.21 0.80
N GLY B 83 23.88 9.18 -0.40
CA GLY B 83 23.17 7.99 -0.88
C GLY B 83 21.67 8.20 -0.85
N LYS B 84 21.29 9.46 -0.58
CA LYS B 84 19.92 9.97 -0.73
C LYS B 84 19.70 10.80 -2.00
N GLU B 85 20.75 11.00 -2.79
CA GLU B 85 20.65 11.87 -3.96
C GLU B 85 19.66 11.27 -4.95
N LEU B 86 19.36 9.98 -4.75
CA LEU B 86 18.39 9.20 -5.54
C LEU B 86 17.51 8.54 -4.52
N THR B 87 16.21 8.73 -4.61
CA THR B 87 15.30 8.15 -3.64
C THR B 87 15.09 6.64 -3.81
N SER B 88 14.62 6.22 -5.00
CA SER B 88 14.35 4.79 -5.30
C SER B 88 14.36 4.54 -6.81
N ILE B 89 15.13 3.54 -7.25
CA ILE B 89 15.26 3.20 -8.68
C ILE B 89 15.12 1.70 -8.95
N TYR B 90 14.70 1.38 -10.18
CA TYR B 90 14.40 0.02 -10.57
C TYR B 90 15.28 -0.44 -11.73
N GLN B 91 15.81 0.52 -12.52
CA GLN B 91 16.48 0.17 -13.76
C GLN B 91 17.60 1.12 -14.14
N PRO B 92 18.85 0.63 -14.21
CA PRO B 92 19.96 1.39 -14.77
C PRO B 92 20.27 0.98 -16.23
N VAL B 93 20.67 1.95 -17.04
CA VAL B 93 20.93 1.65 -18.43
C VAL B 93 22.18 2.43 -18.79
N ILE B 94 23.12 1.83 -19.51
CA ILE B 94 24.28 2.57 -20.03
C ILE B 94 24.22 2.82 -21.54
N ASP B 95 24.22 4.09 -21.92
CA ASP B 95 24.04 4.44 -23.32
C ASP B 95 25.28 4.28 -24.23
N ASP B 96 25.05 4.49 -25.52
CA ASP B 96 26.09 4.49 -26.55
C ASP B 96 27.42 5.16 -26.12
N CYS B 97 27.31 6.17 -25.24
CA CYS B 97 28.45 7.01 -24.87
C CYS B 97 28.74 7.10 -23.39
N ARG B 98 28.54 5.97 -22.72
CA ARG B 98 28.92 5.77 -21.32
C ARG B 98 28.29 6.76 -20.30
N ARG B 99 27.12 7.25 -20.66
CA ARG B 99 26.27 7.87 -19.69
C ARG B 99 25.44 6.80 -18.94
N LEU B 100 25.32 6.96 -17.62
CA LEU B 100 24.50 6.06 -16.77
C LEU B 100 23.13 6.64 -16.40
N TRP B 101 22.08 6.04 -16.96
CA TRP B 101 20.74 6.57 -16.86
C TRP B 101 19.89 5.77 -15.88
N VAL B 102 19.19 6.49 -15.01
CA VAL B 102 18.26 5.87 -14.09
C VAL B 102 16.93 6.59 -14.15
N VAL B 103 15.90 5.96 -13.60
CA VAL B 103 14.64 6.65 -13.32
C VAL B 103 14.31 6.59 -11.83
N ASP B 104 14.43 7.73 -11.16
CA ASP B 104 14.16 7.90 -9.74
C ASP B 104 12.67 8.08 -9.64
N ILE B 105 11.98 7.04 -9.16
CA ILE B 105 10.55 7.11 -9.01
C ILE B 105 10.22 8.12 -7.90
N GLY B 106 11.24 8.58 -7.18
CA GLY B 106 11.13 9.76 -6.32
C GLY B 106 10.57 9.61 -4.93
N SER B 107 10.15 8.40 -4.59
CA SER B 107 9.57 8.12 -3.27
C SER B 107 9.77 6.64 -2.91
N VAL B 108 9.78 6.35 -1.62
CA VAL B 108 9.89 4.97 -1.17
C VAL B 108 8.50 4.34 -1.05
N GLU B 109 8.44 3.02 -0.96
CA GLU B 109 7.20 2.30 -1.12
C GLU B 109 6.65 1.67 0.20
N TYR B 110 6.95 2.32 1.32
CA TYR B 110 6.73 1.79 2.65
C TYR B 110 6.59 2.92 3.68
N ARG B 111 5.78 2.69 4.73
CA ARG B 111 5.54 3.67 5.83
C ARG B 111 6.59 3.52 6.90
N SER B 112 6.91 4.62 7.55
CA SER B 112 7.75 4.62 8.74
C SER B 112 9.10 3.91 8.54
N ARG B 113 9.72 3.51 9.65
CA ARG B 113 10.89 2.61 9.64
C ARG B 113 12.28 2.95 8.97
N GLY B 114 12.68 4.19 8.65
CA GLY B 114 11.88 5.37 8.54
C GLY B 114 12.03 5.88 7.11
N ALA B 115 10.91 5.85 6.40
CA ALA B 115 10.74 6.45 5.10
C ALA B 115 11.14 7.92 5.06
N LYS B 116 11.23 8.55 6.23
CA LYS B 116 11.35 9.99 6.33
C LYS B 116 12.78 10.47 6.05
N ASP B 117 13.72 9.53 6.00
CA ASP B 117 15.10 9.82 5.66
C ASP B 117 15.29 10.12 4.18
N TYR B 118 14.21 10.11 3.40
CA TYR B 118 14.34 10.26 1.94
C TYR B 118 13.48 11.34 1.31
N PRO B 119 14.08 12.10 0.39
CA PRO B 119 13.29 13.19 -0.23
C PRO B 119 12.09 12.61 -0.96
N SER B 120 10.89 13.15 -0.74
CA SER B 120 9.79 12.95 -1.68
C SER B 120 9.84 13.98 -2.81
N HIS B 121 9.42 13.55 -4.01
CA HIS B 121 9.49 14.40 -5.24
C HIS B 121 9.05 13.67 -6.47
N ARG B 122 8.52 14.41 -7.42
CA ARG B 122 8.03 13.81 -8.65
C ARG B 122 9.13 12.95 -9.29
N PRO B 123 8.75 11.84 -9.94
CA PRO B 123 9.69 11.03 -10.72
C PRO B 123 10.62 11.89 -11.58
N ALA B 124 11.89 11.45 -11.69
CA ALA B 124 12.92 12.13 -12.47
C ALA B 124 13.80 11.14 -13.27
N ILE B 125 14.20 11.55 -14.48
CA ILE B 125 15.21 10.82 -15.24
C ILE B 125 16.55 11.48 -14.98
N VAL B 126 17.52 10.70 -14.51
CA VAL B 126 18.81 11.25 -14.18
C VAL B 126 19.88 10.50 -14.95
N ALA B 127 20.84 11.24 -15.50
CA ALA B 127 22.02 10.64 -16.16
C ALA B 127 23.33 11.07 -15.51
N TYR B 128 24.27 10.12 -15.39
CA TYR B 128 25.58 10.41 -14.87
C TYR B 128 26.58 9.98 -15.90
N ASP B 129 27.61 10.83 -16.08
CA ASP B 129 28.70 10.61 -17.00
C ASP B 129 29.76 9.69 -16.44
N LEU B 130 29.85 8.47 -16.96
CA LEU B 130 30.89 7.58 -16.46
C LEU B 130 32.27 7.91 -17.05
N LYS B 131 32.29 8.78 -18.07
CA LYS B 131 33.53 9.15 -18.72
C LYS B 131 34.42 10.00 -17.80
N GLN B 132 33.85 10.98 -17.12
CA GLN B 132 34.63 11.82 -16.21
C GLN B 132 34.72 11.14 -14.84
N PRO B 133 35.56 11.64 -13.94
CA PRO B 133 35.32 11.20 -12.54
C PRO B 133 34.61 12.32 -11.76
N ASN B 134 34.11 12.08 -10.56
CA ASN B 134 33.76 10.81 -10.07
C ASN B 134 32.29 10.76 -10.45
N TYR B 135 32.03 10.55 -11.74
CA TYR B 135 30.67 10.35 -12.25
C TYR B 135 29.74 11.52 -11.97
N PRO B 136 30.02 12.69 -12.54
CA PRO B 136 29.11 13.83 -12.32
C PRO B 136 27.73 13.67 -12.97
N GLU B 137 26.71 14.34 -12.39
CA GLU B 137 25.32 14.34 -12.90
C GLU B 137 25.20 15.23 -14.15
N VAL B 138 24.68 14.69 -15.24
CA VAL B 138 24.63 15.46 -16.50
C VAL B 138 23.22 15.70 -17.07
N VAL B 139 22.24 14.89 -16.64
CA VAL B 139 20.85 15.13 -17.02
C VAL B 139 20.03 14.96 -15.77
N ARG B 140 18.97 15.74 -15.66
CA ARG B 140 17.99 15.62 -14.56
C ARG B 140 16.69 16.32 -14.97
N TYR B 141 15.75 15.54 -15.49
CA TYR B 141 14.45 16.04 -15.89
C TYR B 141 13.39 15.41 -15.02
N TYR B 142 12.62 16.26 -14.35
CA TYR B 142 11.45 15.91 -13.54
C TYR B 142 10.17 15.80 -14.39
N PHE B 143 9.47 14.69 -14.28
CA PHE B 143 8.18 14.47 -14.98
C PHE B 143 7.14 15.57 -14.71
N PRO B 144 6.46 16.06 -15.78
CA PRO B 144 5.30 16.98 -15.56
C PRO B 144 4.17 16.31 -14.76
N THR B 145 3.68 16.97 -13.72
CA THR B 145 2.72 16.36 -12.74
C THR B 145 1.51 15.68 -13.39
N ARG B 146 1.07 16.20 -14.53
CA ARG B 146 -0.07 15.64 -15.29
C ARG B 146 0.21 14.22 -15.83
N LEU B 147 1.44 14.01 -16.32
CA LEU B 147 1.90 12.73 -16.88
C LEU B 147 2.32 11.65 -15.85
N VAL B 148 2.34 12.01 -14.57
CA VAL B 148 2.55 11.03 -13.51
C VAL B 148 1.34 10.09 -13.51
N GLU B 149 1.59 8.91 -14.06
CA GLU B 149 0.64 7.79 -14.14
C GLU B 149 1.33 6.56 -13.57
N LYS B 150 1.02 6.26 -12.30
CA LYS B 150 1.49 5.06 -11.60
C LYS B 150 2.99 4.74 -11.78
N PRO B 151 3.90 5.63 -11.28
CA PRO B 151 5.37 5.52 -11.37
C PRO B 151 6.00 4.20 -10.93
N THR B 152 5.37 3.57 -9.94
CA THR B 152 5.86 2.36 -9.28
C THR B 152 5.97 1.12 -10.20
N TYR B 153 5.33 1.22 -11.36
CA TYR B 153 5.22 0.14 -12.33
C TYR B 153 6.00 0.45 -13.65
N PHE B 154 7.10 1.19 -13.52
CA PHE B 154 7.97 1.45 -14.69
C PHE B 154 8.84 0.22 -15.03
N GLY B 155 8.86 -0.21 -16.29
CA GLY B 155 9.64 -1.40 -16.65
C GLY B 155 11.05 -1.05 -17.13
N GLY B 156 11.46 -1.61 -18.26
CA GLY B 156 12.76 -1.36 -18.78
C GLY B 156 12.68 -0.12 -19.64
N PHE B 157 13.82 0.35 -20.14
CA PHE B 157 13.77 1.51 -21.02
C PHE B 157 14.99 1.63 -21.92
N ALA B 158 14.80 2.09 -23.14
CA ALA B 158 15.92 2.35 -24.04
C ALA B 158 16.36 3.80 -23.99
N VAL B 159 17.62 4.03 -24.27
CA VAL B 159 18.01 5.39 -24.53
C VAL B 159 18.44 5.49 -25.98
N ASP B 160 17.68 6.27 -26.75
CA ASP B 160 17.94 6.44 -28.18
C ASP B 160 18.80 7.64 -28.42
N VAL B 161 20.09 7.41 -28.62
CA VAL B 161 20.99 8.56 -28.92
C VAL B 161 21.17 8.72 -30.42
N ALA B 162 20.73 9.86 -30.97
CA ALA B 162 20.88 10.17 -32.43
C ALA B 162 22.32 10.57 -32.84
N ASN B 163 22.97 11.39 -32.01
CA ASN B 163 24.35 11.79 -32.20
C ASN B 163 25.34 11.19 -31.16
N PRO B 164 25.48 9.82 -31.14
CA PRO B 164 26.47 9.24 -30.21
C PRO B 164 27.95 9.67 -30.39
N LYS B 165 28.36 10.08 -31.59
CA LYS B 165 29.76 10.58 -31.81
C LYS B 165 29.92 12.09 -31.67
N GLY B 166 28.79 12.79 -31.54
CA GLY B 166 28.76 14.22 -31.18
C GLY B 166 28.63 14.42 -29.68
N ASP B 167 27.94 15.49 -29.29
CA ASP B 167 27.77 15.85 -27.87
C ASP B 167 26.69 15.00 -27.14
N CYS B 168 25.89 14.27 -27.93
CA CYS B 168 24.90 13.36 -27.43
C CYS B 168 23.69 14.07 -26.86
N SER B 169 23.53 15.34 -27.21
CA SER B 169 22.34 16.09 -26.79
C SER B 169 21.08 15.59 -27.53
N GLU B 170 21.26 15.00 -28.72
CA GLU B 170 20.13 14.60 -29.54
C GLU B 170 19.54 13.25 -29.04
N THR B 171 18.87 13.29 -27.89
CA THR B 171 18.53 12.06 -27.21
C THR B 171 17.05 11.93 -26.87
N PHE B 172 16.55 10.71 -27.03
CA PHE B 172 15.28 10.30 -26.51
C PHE B 172 15.42 9.18 -25.52
N VAL B 173 14.50 9.19 -24.55
CA VAL B 173 14.36 8.11 -23.58
C VAL B 173 12.92 7.59 -23.65
N TYR B 174 12.80 6.26 -23.76
CA TYR B 174 11.51 5.60 -23.89
C TYR B 174 11.27 4.64 -22.72
N ILE B 175 10.37 5.02 -21.81
CA ILE B 175 10.16 4.29 -20.57
C ILE B 175 8.86 3.52 -20.53
N THR B 176 8.94 2.20 -20.33
CA THR B 176 7.74 1.37 -20.24
C THR B 176 7.08 1.45 -18.87
N ASN B 177 5.79 1.16 -18.87
CA ASN B 177 5.04 1.03 -17.66
C ASN B 177 4.13 -0.15 -17.91
N PHE B 178 4.26 -1.19 -17.08
CA PHE B 178 3.59 -2.44 -17.37
C PHE B 178 2.20 -2.60 -16.83
N LEU B 179 1.80 -1.75 -15.89
CA LEU B 179 0.43 -1.79 -15.35
C LEU B 179 -0.51 -1.09 -16.33
N ARG B 180 -0.07 0.12 -16.71
CA ARG B 180 -0.83 1.05 -17.53
C ARG B 180 -0.84 0.61 -19.01
N GLY B 181 0.10 -0.29 -19.36
CA GLY B 181 0.36 -0.66 -20.75
C GLY B 181 0.67 0.60 -21.54
N ALA B 182 1.80 1.24 -21.19
CA ALA B 182 2.16 2.59 -21.66
C ALA B 182 3.65 2.86 -21.86
N LEU B 183 3.93 3.86 -22.68
CA LEU B 183 5.27 4.35 -22.94
C LEU B 183 5.36 5.82 -22.64
N PHE B 184 6.21 6.16 -21.71
CA PHE B 184 6.56 7.54 -21.47
C PHE B 184 7.69 7.92 -22.44
N ILE B 185 7.63 9.13 -22.98
CA ILE B 185 8.63 9.57 -23.94
C ILE B 185 9.20 10.94 -23.57
N TYR B 186 10.53 10.99 -23.59
CA TYR B 186 11.28 12.15 -23.16
C TYR B 186 12.12 12.62 -24.30
N ASP B 187 11.75 13.81 -24.79
CA ASP B 187 12.48 14.54 -25.85
C ASP B 187 13.45 15.49 -25.17
N HIS B 188 14.59 14.95 -24.76
CA HIS B 188 15.60 15.69 -24.02
C HIS B 188 15.98 17.01 -24.68
N LYS B 189 16.27 16.97 -25.99
CA LYS B 189 16.67 18.16 -26.72
C LYS B 189 15.66 19.32 -26.58
N LYS B 190 14.38 19.10 -26.89
CA LYS B 190 13.36 20.15 -26.71
C LYS B 190 12.86 20.28 -25.24
N GLN B 191 13.49 19.57 -24.30
CA GLN B 191 13.08 19.54 -22.88
C GLN B 191 11.58 19.35 -22.63
N ASP B 192 11.04 18.22 -23.10
CA ASP B 192 9.59 18.02 -23.19
C ASP B 192 9.24 16.50 -23.09
N SER B 193 8.00 16.18 -22.72
CA SER B 193 7.59 14.78 -22.52
C SER B 193 6.07 14.57 -22.64
N TRP B 194 5.69 13.32 -22.89
CA TRP B 194 4.28 12.94 -23.07
C TRP B 194 4.03 11.42 -22.86
N ASN B 195 2.78 10.99 -22.98
CA ASN B 195 2.45 9.58 -22.85
C ASN B 195 1.89 8.98 -24.12
N VAL B 196 2.24 7.73 -24.39
CA VAL B 196 1.68 7.02 -25.53
C VAL B 196 1.05 5.69 -25.09
N THR B 197 -0.12 5.36 -25.65
CA THR B 197 -0.66 4.01 -25.51
C THR B 197 -1.09 3.45 -26.86
N HIS B 198 -1.19 2.14 -26.92
CA HIS B 198 -1.56 1.43 -28.11
C HIS B 198 -2.00 0.08 -27.57
N PRO B 199 -2.99 -0.55 -28.20
CA PRO B 199 -3.50 -1.82 -27.67
C PRO B 199 -2.45 -2.96 -27.60
N THR B 200 -1.36 -2.75 -28.33
CA THR B 200 -0.24 -3.67 -28.45
C THR B 200 0.61 -3.69 -27.19
N PHE B 201 0.52 -2.61 -26.42
CA PHE B 201 1.26 -2.46 -25.15
C PHE B 201 0.67 -3.32 -24.02
N LYS B 202 -0.49 -3.89 -24.26
CA LYS B 202 -1.22 -4.59 -23.20
C LYS B 202 -0.97 -6.09 -23.17
N ALA B 203 -1.04 -6.68 -22.00
CA ALA B 203 -0.88 -8.12 -21.90
C ALA B 203 -1.86 -8.92 -22.77
N GLU B 204 -1.45 -10.13 -23.14
CA GLU B 204 -2.24 -11.03 -23.95
C GLU B 204 -3.08 -11.95 -23.05
N ARG B 205 -2.42 -12.70 -22.16
CA ARG B 205 -3.02 -13.68 -21.22
C ARG B 205 -2.19 -13.62 -19.93
N PRO B 206 -2.73 -14.02 -18.77
CA PRO B 206 -1.82 -14.03 -17.61
C PRO B 206 -0.55 -14.89 -17.83
N THR B 207 0.51 -14.65 -17.08
CA THR B 207 1.69 -15.52 -17.16
C THR B 207 1.67 -16.47 -15.97
N LYS B 208 1.82 -17.77 -16.21
CA LYS B 208 1.92 -18.69 -15.09
C LYS B 208 3.37 -18.77 -14.59
N PHE B 209 3.52 -18.73 -13.28
CA PHE B 209 4.82 -18.79 -12.64
C PHE B 209 4.79 -19.81 -11.51
N ASP B 210 5.58 -20.86 -11.62
CA ASP B 210 5.65 -21.94 -10.65
C ASP B 210 6.57 -21.59 -9.47
N TYR B 211 6.05 -21.65 -8.24
CA TYR B 211 6.88 -21.48 -7.04
C TYR B 211 6.45 -22.45 -5.96
N GLY B 212 7.41 -23.09 -5.32
CA GLY B 212 7.15 -23.96 -4.16
C GLY B 212 6.02 -24.97 -4.34
N GLY B 213 5.89 -25.51 -5.56
CA GLY B 213 4.85 -26.48 -5.89
C GLY B 213 3.52 -25.91 -6.37
N LYS B 214 3.29 -24.63 -6.10
CA LYS B 214 2.07 -23.95 -6.56
C LYS B 214 2.31 -23.16 -7.85
N GLU B 215 1.24 -22.97 -8.63
CA GLU B 215 1.24 -22.15 -9.81
C GLU B 215 0.65 -20.80 -9.46
N TYR B 216 1.46 -19.74 -9.59
CA TYR B 216 0.98 -18.37 -9.42
C TYR B 216 0.79 -17.66 -10.76
N GLU B 217 0.36 -16.40 -10.70
CA GLU B 217 -0.05 -15.72 -11.92
C GLU B 217 0.27 -14.24 -11.90
N PHE B 218 0.63 -13.70 -13.06
CA PHE B 218 0.64 -12.25 -13.17
C PHE B 218 0.19 -11.78 -14.53
N LYS B 219 -0.20 -10.51 -14.61
CA LYS B 219 -0.62 -9.94 -15.89
C LYS B 219 0.11 -8.61 -16.18
N ALA B 220 1.11 -8.64 -17.04
CA ALA B 220 1.97 -7.48 -17.24
C ALA B 220 1.90 -6.91 -18.65
N GLY B 221 1.79 -5.58 -18.74
CA GLY B 221 1.89 -4.89 -20.03
C GLY B 221 3.35 -4.67 -20.47
N ILE B 222 3.60 -3.65 -21.29
CA ILE B 222 4.88 -3.44 -21.96
C ILE B 222 5.98 -3.41 -20.90
N PHE B 223 7.19 -3.93 -21.19
CA PHE B 223 8.18 -4.22 -20.11
C PHE B 223 9.67 -3.84 -20.17
N GLY B 224 10.43 -3.91 -21.25
CA GLY B 224 10.16 -4.51 -22.52
C GLY B 224 10.56 -3.64 -23.70
N ILE B 225 11.76 -3.02 -23.77
CA ILE B 225 12.12 -2.23 -25.02
C ILE B 225 13.63 -2.02 -25.41
N THR B 226 13.98 -2.49 -26.61
CA THR B 226 15.37 -2.48 -27.09
C THR B 226 15.46 -1.87 -28.50
N LEU B 227 16.46 -1.00 -28.70
CA LEU B 227 16.66 -0.30 -29.99
C LEU B 227 17.49 -1.04 -31.04
N GLY B 228 17.02 -0.98 -32.31
CA GLY B 228 17.68 -1.58 -33.47
C GLY B 228 18.71 -0.71 -34.21
N ASP B 229 19.18 -1.22 -35.36
CA ASP B 229 20.11 -0.49 -36.23
C ASP B 229 19.54 0.81 -36.77
N ARG B 230 20.33 1.88 -36.62
CA ARG B 230 19.97 3.16 -37.20
C ARG B 230 20.12 3.14 -38.72
N ASP B 231 19.34 3.98 -39.40
CA ASP B 231 19.61 4.29 -40.80
C ASP B 231 20.29 5.66 -40.87
N SER B 232 20.53 6.16 -42.08
CA SER B 232 21.34 7.37 -42.28
C SER B 232 20.68 8.65 -41.75
N GLU B 233 19.36 8.63 -41.66
CA GLU B 233 18.58 9.74 -41.07
C GLU B 233 18.58 9.66 -39.54
N GLY B 234 18.83 8.48 -39.00
CA GLY B 234 18.97 8.31 -37.54
C GLY B 234 17.80 7.61 -36.86
N ASN B 235 16.86 7.12 -37.66
CA ASN B 235 15.69 6.42 -37.12
C ASN B 235 15.98 4.92 -37.07
N ARG B 236 15.23 4.21 -36.22
CA ARG B 236 15.53 2.81 -35.97
C ARG B 236 14.32 2.08 -35.49
N PRO B 237 14.32 0.75 -35.70
CA PRO B 237 13.28 -0.10 -35.11
C PRO B 237 13.45 -0.22 -33.60
N ALA B 238 12.37 0.04 -32.89
CA ALA B 238 12.27 -0.18 -31.46
C ALA B 238 11.51 -1.50 -31.19
N TYR B 239 12.21 -2.52 -30.72
CA TYR B 239 11.60 -3.80 -30.39
C TYR B 239 11.09 -3.75 -28.99
N TYR B 240 9.89 -4.28 -28.78
CA TYR B 240 9.33 -4.31 -27.45
C TYR B 240 8.40 -5.51 -27.24
N LEU B 241 8.24 -5.90 -25.97
CA LEU B 241 7.28 -6.94 -25.59
C LEU B 241 6.45 -6.60 -24.33
N ALA B 242 5.30 -7.25 -24.23
CA ALA B 242 4.53 -7.25 -23.00
C ALA B 242 5.09 -8.38 -22.15
N GLY B 243 5.06 -8.22 -20.83
CA GLY B 243 5.54 -9.27 -19.96
C GLY B 243 4.70 -10.51 -20.19
N SER B 244 3.39 -10.34 -20.13
CA SER B 244 2.47 -11.45 -20.22
C SER B 244 1.96 -11.59 -21.65
N ALA B 245 2.88 -11.98 -22.52
CA ALA B 245 2.69 -12.01 -23.99
C ALA B 245 3.68 -13.00 -24.58
N ILE B 246 3.44 -13.46 -25.81
CA ILE B 246 4.52 -14.13 -26.58
C ILE B 246 4.74 -13.55 -27.96
N LYS B 247 3.99 -12.50 -28.28
CA LYS B 247 4.24 -11.69 -29.48
C LYS B 247 5.30 -10.61 -29.21
N VAL B 248 6.08 -10.28 -30.24
CA VAL B 248 7.10 -9.23 -30.18
C VAL B 248 6.79 -8.18 -31.25
N TYR B 249 6.90 -6.92 -30.90
CA TYR B 249 6.53 -5.88 -31.81
C TYR B 249 7.70 -4.96 -32.06
N SER B 250 7.75 -4.38 -33.26
CA SER B 250 8.61 -3.24 -33.53
C SER B 250 7.78 -2.07 -34.03
N VAL B 251 8.14 -0.87 -33.55
CA VAL B 251 7.60 0.38 -34.08
C VAL B 251 8.80 1.24 -34.44
N ASN B 252 8.66 2.06 -35.48
CA ASN B 252 9.81 2.88 -35.87
C ASN B 252 9.97 4.12 -35.02
N THR B 253 11.20 4.39 -34.59
CA THR B 253 11.45 5.54 -33.71
C THR B 253 11.09 6.88 -34.35
N LYS B 254 11.03 6.92 -35.68
CA LYS B 254 10.46 8.07 -36.37
C LYS B 254 9.09 8.43 -35.79
N GLU B 255 8.13 7.49 -35.88
CA GLU B 255 6.76 7.69 -35.39
C GLU B 255 6.67 8.00 -33.90
N LEU B 256 7.66 7.55 -33.12
CA LEU B 256 7.64 7.74 -31.66
C LEU B 256 8.03 9.13 -31.31
N LYS B 257 9.09 9.61 -31.98
CA LYS B 257 9.70 10.89 -31.71
C LYS B 257 8.70 11.99 -32.00
N GLN B 258 7.69 11.64 -32.80
CA GLN B 258 6.62 12.52 -33.18
C GLN B 258 5.53 12.60 -32.10
N LYS B 259 5.47 13.75 -31.40
CA LYS B 259 4.44 14.03 -30.37
C LYS B 259 3.07 14.28 -30.99
N GLY B 260 2.06 13.58 -30.51
CA GLY B 260 0.74 13.65 -31.09
C GLY B 260 0.59 12.78 -32.33
N GLY B 261 1.71 12.22 -32.81
CA GLY B 261 1.72 11.40 -34.05
C GLY B 261 1.12 10.01 -33.91
N LYS B 262 0.63 9.47 -35.03
CA LYS B 262 0.10 8.09 -35.05
C LYS B 262 1.22 7.03 -34.93
N LEU B 263 0.86 5.86 -34.36
CA LEU B 263 1.77 4.73 -34.23
C LEU B 263 1.35 3.54 -35.07
N ASN B 264 2.30 2.93 -35.76
CA ASN B 264 2.03 1.81 -36.65
C ASN B 264 2.93 0.60 -36.40
N PRO B 265 2.78 -0.04 -35.22
CA PRO B 265 3.52 -1.22 -34.82
C PRO B 265 3.35 -2.39 -35.78
N GLU B 266 4.46 -3.06 -35.99
CA GLU B 266 4.45 -4.24 -36.79
C GLU B 266 4.53 -5.44 -35.85
N LEU B 267 3.53 -6.31 -35.92
CA LEU B 267 3.62 -7.60 -35.26
C LEU B 267 4.78 -8.35 -35.95
N LEU B 268 5.50 -9.22 -35.25
CA LEU B 268 6.72 -9.77 -35.84
C LEU B 268 6.92 -11.28 -36.19
N GLY B 269 6.30 -12.27 -35.55
CA GLY B 269 5.25 -12.13 -34.57
C GLY B 269 5.44 -12.82 -33.24
N ASN B 270 5.57 -14.14 -33.19
CA ASN B 270 5.48 -14.82 -31.87
C ASN B 270 6.57 -15.82 -31.52
N ARG B 271 6.68 -16.17 -30.23
CA ARG B 271 7.83 -16.93 -29.75
C ARG B 271 7.49 -18.32 -29.19
N GLY B 272 6.21 -18.71 -29.21
CA GLY B 272 5.80 -20.02 -28.71
C GLY B 272 5.15 -20.10 -27.33
N LYS B 273 4.13 -20.95 -27.19
CA LYS B 273 3.51 -21.26 -25.87
C LYS B 273 4.42 -21.00 -24.67
N TYR B 274 3.93 -20.20 -23.72
CA TYR B 274 4.48 -20.14 -22.35
C TYR B 274 5.91 -19.56 -22.21
N ASN B 275 6.44 -18.93 -23.26
CA ASN B 275 7.81 -18.43 -23.25
C ASN B 275 7.91 -16.96 -22.84
N ASP B 276 6.87 -16.47 -22.17
CA ASP B 276 6.81 -15.09 -21.64
C ASP B 276 8.16 -14.55 -21.12
N ALA B 277 8.58 -13.39 -21.61
CA ALA B 277 9.78 -12.79 -21.01
C ALA B 277 9.52 -11.33 -20.60
N ILE B 278 10.03 -10.91 -19.43
CA ILE B 278 9.88 -9.48 -19.12
C ILE B 278 10.99 -8.58 -19.69
N ALA B 279 12.04 -9.19 -20.25
CA ALA B 279 13.19 -8.39 -20.61
C ALA B 279 13.88 -8.91 -21.89
N LEU B 280 14.33 -7.96 -22.72
CA LEU B 280 14.89 -8.25 -24.05
C LEU B 280 16.03 -7.31 -24.39
N ALA B 281 16.98 -7.77 -25.19
CA ALA B 281 18.12 -6.93 -25.50
C ALA B 281 18.60 -7.23 -26.91
N TYR B 282 18.74 -6.17 -27.72
CA TYR B 282 19.10 -6.33 -29.14
C TYR B 282 20.60 -6.25 -29.29
N ASP B 283 21.13 -7.13 -30.13
CA ASP B 283 22.54 -7.12 -30.41
C ASP B 283 22.91 -6.60 -31.83
N PRO B 284 23.46 -5.37 -31.91
CA PRO B 284 23.93 -4.86 -33.19
C PRO B 284 24.95 -5.78 -33.85
N LYS B 285 25.76 -6.53 -33.10
CA LYS B 285 26.77 -7.38 -33.75
C LYS B 285 26.21 -8.60 -34.51
N THR B 286 25.32 -9.36 -33.89
CA THR B 286 24.84 -10.59 -34.52
C THR B 286 23.44 -10.39 -35.06
N LYS B 287 22.80 -9.28 -34.68
CA LYS B 287 21.43 -8.91 -35.10
C LYS B 287 20.43 -9.79 -34.36
N VAL B 288 20.84 -10.27 -33.20
CA VAL B 288 20.00 -11.16 -32.43
C VAL B 288 19.35 -10.37 -31.33
N ILE B 289 18.10 -10.74 -31.05
CA ILE B 289 17.42 -10.33 -29.82
C ILE B 289 17.44 -11.50 -28.86
N PHE B 290 17.88 -11.21 -27.65
CA PHE B 290 17.96 -12.20 -26.58
C PHE B 290 16.89 -11.89 -25.61
N PHE B 291 16.31 -12.92 -25.02
CA PHE B 291 15.09 -12.80 -24.20
C PHE B 291 15.35 -13.49 -22.89
N ALA B 292 15.26 -12.78 -21.78
CA ALA B 292 15.39 -13.45 -20.49
C ALA B 292 13.98 -13.83 -20.01
N GLU B 293 13.71 -15.13 -19.84
CA GLU B 293 12.32 -15.60 -19.70
C GLU B 293 11.86 -15.85 -18.25
N ALA B 294 10.55 -15.73 -18.05
CA ALA B 294 9.96 -15.68 -16.71
C ALA B 294 9.85 -17.02 -15.98
N ASN B 295 9.45 -18.08 -16.71
CA ASN B 295 9.11 -19.38 -16.12
C ASN B 295 9.87 -20.58 -16.70
N THR B 296 10.44 -20.43 -17.89
CA THR B 296 11.10 -21.53 -18.59
C THR B 296 12.53 -21.77 -18.10
N LYS B 297 13.03 -20.85 -17.28
CA LYS B 297 14.38 -20.94 -16.75
C LYS B 297 15.48 -20.91 -17.88
N GLN B 298 15.12 -20.34 -19.03
CA GLN B 298 16.02 -20.21 -20.18
C GLN B 298 16.21 -18.75 -20.64
N VAL B 299 17.36 -18.48 -21.25
CA VAL B 299 17.53 -17.29 -22.05
C VAL B 299 17.45 -17.74 -23.50
N SER B 300 16.65 -17.02 -24.30
CA SER B 300 16.40 -17.45 -25.67
C SER B 300 16.72 -16.35 -26.66
N CYS B 301 16.78 -16.71 -27.92
CA CYS B 301 17.26 -15.80 -28.93
C CYS B 301 16.50 -15.96 -30.23
N TRP B 302 16.45 -14.88 -30.99
CA TRP B 302 15.89 -14.82 -32.31
C TRP B 302 16.72 -13.88 -33.11
N ASN B 303 17.12 -14.33 -34.30
CA ASN B 303 17.88 -13.47 -35.19
C ASN B 303 16.93 -12.63 -36.04
N THR B 304 17.06 -11.30 -35.91
CA THR B 304 16.11 -10.34 -36.52
C THR B 304 15.88 -10.61 -38.00
N GLN B 305 16.89 -11.21 -38.63
CA GLN B 305 16.94 -11.43 -40.08
C GLN B 305 16.18 -12.66 -40.60
N LYS B 306 15.84 -13.60 -39.72
CA LYS B 306 14.92 -14.69 -40.07
C LYS B 306 13.45 -14.25 -39.85
N MET B 307 12.74 -13.90 -40.90
CA MET B 307 11.33 -13.56 -40.75
C MET B 307 10.40 -14.66 -41.28
N PRO B 308 9.20 -14.80 -40.68
CA PRO B 308 8.70 -14.04 -39.52
C PRO B 308 9.26 -14.65 -38.24
N LEU B 309 9.01 -14.01 -37.10
CA LEU B 309 9.32 -14.61 -35.80
C LEU B 309 8.29 -15.70 -35.48
N ARG B 310 8.78 -16.93 -35.39
CA ARG B 310 8.02 -18.08 -34.88
C ARG B 310 8.99 -18.95 -34.06
N MET B 311 8.45 -19.84 -33.24
CA MET B 311 9.29 -20.64 -32.39
C MET B 311 10.41 -21.35 -33.14
N LYS B 312 10.07 -22.02 -34.22
CA LYS B 312 11.04 -22.67 -35.12
C LYS B 312 12.23 -21.76 -35.52
N ASN B 313 12.09 -20.45 -35.36
CA ASN B 313 13.19 -19.50 -35.65
C ASN B 313 13.89 -18.97 -34.42
N THR B 314 13.72 -19.64 -33.29
CA THR B 314 14.35 -19.24 -32.06
C THR B 314 15.10 -20.42 -31.51
N ASP B 315 16.07 -20.13 -30.66
CA ASP B 315 16.83 -21.18 -29.98
C ASP B 315 17.06 -20.76 -28.52
N VAL B 316 17.68 -21.65 -27.75
CA VAL B 316 17.98 -21.40 -26.35
C VAL B 316 19.49 -21.27 -26.20
N VAL B 317 19.94 -20.26 -25.46
CA VAL B 317 21.38 -20.08 -25.24
C VAL B 317 21.77 -20.29 -23.79
N TYR B 318 20.80 -20.44 -22.90
CA TYR B 318 21.16 -20.69 -21.53
C TYR B 318 20.02 -21.39 -20.78
N THR B 319 20.37 -22.39 -19.98
CA THR B 319 19.39 -23.18 -19.23
C THR B 319 19.96 -23.53 -17.87
N SER B 320 19.21 -23.24 -16.81
CA SER B 320 19.59 -23.65 -15.48
C SER B 320 18.34 -23.68 -14.65
N SER B 321 18.13 -24.77 -13.94
CA SER B 321 17.01 -24.90 -13.04
C SER B 321 17.03 -23.86 -11.91
N ARG B 322 18.11 -23.08 -11.83
CA ARG B 322 18.19 -22.04 -10.81
C ARG B 322 17.93 -20.64 -11.36
N PHE B 323 17.81 -20.54 -12.67
CA PHE B 323 17.48 -19.27 -13.28
C PHE B 323 15.99 -18.97 -13.11
N VAL B 324 15.61 -18.64 -11.89
CA VAL B 324 14.20 -18.40 -11.60
C VAL B 324 13.92 -16.93 -11.76
N PHE B 325 12.86 -16.65 -12.53
CA PHE B 325 12.48 -15.31 -13.00
C PHE B 325 13.60 -14.39 -13.58
N GLY B 326 13.83 -14.53 -14.88
CA GLY B 326 14.66 -13.58 -15.60
C GLY B 326 14.04 -12.21 -15.43
N THR B 327 14.86 -11.21 -15.15
CA THR B 327 14.41 -9.85 -14.93
C THR B 327 15.17 -8.75 -15.70
N ASP B 328 16.40 -9.03 -16.12
CA ASP B 328 17.11 -8.06 -16.89
C ASP B 328 18.01 -8.81 -17.85
N ILE B 329 18.29 -8.19 -19.00
CA ILE B 329 19.26 -8.69 -19.96
C ILE B 329 19.77 -7.52 -20.79
N SER B 330 21.03 -7.57 -21.22
CA SER B 330 21.61 -6.48 -22.00
C SER B 330 22.95 -6.89 -22.58
N VAL B 331 23.46 -6.09 -23.51
CA VAL B 331 24.79 -6.39 -24.03
C VAL B 331 25.70 -5.19 -23.74
N ASP B 332 26.96 -5.44 -23.44
CA ASP B 332 27.83 -4.36 -23.01
C ASP B 332 28.54 -3.71 -24.20
N SER B 333 29.48 -2.79 -23.93
CA SER B 333 30.27 -2.15 -24.98
C SER B 333 31.01 -3.19 -25.74
N LYS B 334 31.46 -4.24 -25.03
CA LYS B 334 32.31 -5.27 -25.62
C LYS B 334 31.57 -6.44 -26.28
N GLY B 335 30.25 -6.37 -26.40
CA GLY B 335 29.48 -7.48 -26.95
C GLY B 335 29.38 -8.68 -26.00
N GLY B 336 29.58 -8.46 -24.71
CA GLY B 336 29.29 -9.48 -23.71
C GLY B 336 27.79 -9.50 -23.47
N LEU B 337 27.24 -10.69 -23.24
CA LEU B 337 25.81 -10.83 -23.04
C LEU B 337 25.61 -11.13 -21.58
N TRP B 338 24.76 -10.34 -20.94
CA TRP B 338 24.57 -10.37 -19.48
C TRP B 338 23.11 -10.57 -19.17
N PHE B 339 22.78 -11.55 -18.35
CA PHE B 339 21.39 -11.75 -17.93
C PHE B 339 21.26 -11.94 -16.40
N MET B 340 20.08 -11.64 -15.87
CA MET B 340 19.86 -11.68 -14.45
C MET B 340 18.51 -12.30 -14.09
N SER B 341 18.55 -13.16 -13.08
CA SER B 341 17.37 -13.72 -12.45
C SER B 341 17.39 -13.34 -10.96
N ASN B 342 16.21 -13.30 -10.31
CA ASN B 342 16.07 -12.92 -8.88
C ASN B 342 14.86 -13.54 -8.17
N GLY B 343 14.10 -14.34 -8.88
CA GLY B 343 12.89 -14.96 -8.32
C GLY B 343 11.86 -13.95 -7.83
N PHE B 344 11.83 -12.76 -8.42
CA PHE B 344 10.94 -11.68 -7.99
C PHE B 344 9.93 -11.14 -9.07
N PRO B 345 8.97 -11.95 -9.53
CA PRO B 345 7.96 -11.47 -10.51
C PRO B 345 6.97 -10.47 -9.87
N PRO B 346 6.15 -9.75 -10.67
CA PRO B 346 5.16 -8.80 -10.12
C PRO B 346 3.91 -9.48 -9.51
N ILE B 347 4.11 -10.16 -8.40
CA ILE B 347 3.08 -10.97 -7.82
C ILE B 347 2.96 -10.53 -6.36
N ARG B 348 1.75 -10.38 -5.85
CA ARG B 348 1.56 -9.90 -4.51
C ARG B 348 2.29 -10.86 -3.61
N LYS B 349 3.20 -10.32 -2.80
CA LYS B 349 3.97 -11.07 -1.77
C LYS B 349 5.24 -11.75 -2.30
N SER B 350 5.57 -11.48 -3.56
CA SER B 350 6.70 -12.17 -4.18
C SER B 350 7.99 -11.87 -3.44
N GLU B 351 8.02 -10.77 -2.68
CA GLU B 351 9.26 -10.39 -2.02
C GLU B 351 9.63 -11.35 -0.90
N LYS B 352 8.63 -12.10 -0.44
CA LYS B 352 8.82 -13.10 0.61
C LYS B 352 9.18 -14.49 0.06
N PHE B 353 9.07 -14.71 -1.26
CA PHE B 353 9.57 -15.95 -1.86
C PHE B 353 11.03 -16.20 -1.47
N LYS B 354 11.36 -17.42 -1.06
CA LYS B 354 12.73 -17.73 -0.67
C LYS B 354 13.20 -18.96 -1.44
N TYR B 355 14.52 -19.08 -1.62
CA TYR B 355 15.04 -20.15 -2.46
C TYR B 355 16.15 -20.96 -1.79
N ASP B 356 16.19 -22.27 -2.11
CA ASP B 356 17.21 -23.19 -1.60
C ASP B 356 18.61 -22.94 -2.22
N PHE B 357 18.71 -22.02 -3.17
CA PHE B 357 19.99 -21.66 -3.75
C PHE B 357 20.12 -20.13 -3.73
N PRO B 358 21.30 -19.58 -4.10
CA PRO B 358 21.41 -18.13 -4.25
C PRO B 358 20.35 -17.49 -5.14
N ARG B 359 19.56 -16.60 -4.56
CA ARG B 359 18.42 -15.96 -5.21
C ARG B 359 18.75 -15.11 -6.41
N TYR B 360 19.75 -14.25 -6.24
CA TYR B 360 20.12 -13.22 -7.18
C TYR B 360 21.27 -13.77 -8.01
N ARG B 361 21.11 -13.75 -9.33
CA ARG B 361 22.03 -14.45 -10.19
C ARG B 361 22.33 -13.60 -11.41
N LEU B 362 23.59 -13.25 -11.61
CA LEU B 362 24.03 -12.46 -12.78
C LEU B 362 25.07 -13.24 -13.59
N MET B 363 24.88 -13.33 -14.91
CA MET B 363 25.78 -14.15 -15.73
C MET B 363 25.99 -13.53 -17.07
N ARG B 364 27.27 -13.34 -17.42
CA ARG B 364 27.71 -12.98 -18.76
C ARG B 364 28.19 -14.21 -19.50
N ILE B 365 27.71 -14.40 -20.73
CA ILE B 365 28.37 -15.25 -21.74
C ILE B 365 29.40 -14.38 -22.44
N MET B 366 30.63 -14.89 -22.59
CA MET B 366 31.82 -14.06 -22.98
C MET B 366 31.59 -13.12 -24.19
N ASP B 367 30.95 -13.63 -25.24
CA ASP B 367 30.64 -12.85 -26.42
C ASP B 367 29.32 -13.31 -27.05
N THR B 368 28.57 -12.40 -27.68
CA THR B 368 27.29 -12.79 -28.33
C THR B 368 27.42 -13.79 -29.48
N GLN B 369 28.56 -13.81 -30.17
CA GLN B 369 28.78 -14.85 -31.19
C GLN B 369 28.94 -16.21 -30.53
N GLU B 370 29.71 -16.24 -29.44
CA GLU B 370 29.88 -17.47 -28.67
C GLU B 370 28.49 -18.05 -28.23
N ALA B 371 27.67 -17.17 -27.66
CA ALA B 371 26.31 -17.44 -27.23
C ALA B 371 25.47 -18.18 -28.27
N ILE B 372 25.59 -17.83 -29.53
CA ILE B 372 24.73 -18.40 -30.55
C ILE B 372 25.37 -19.44 -31.48
N ALA B 373 26.64 -19.75 -31.27
CA ALA B 373 27.41 -20.51 -32.24
C ALA B 373 26.65 -21.69 -32.86
N GLY B 374 26.43 -22.77 -32.13
CA GLY B 374 25.83 -23.94 -32.81
C GLY B 374 24.39 -23.83 -33.30
N THR B 375 23.77 -22.66 -33.16
CA THR B 375 22.32 -22.58 -33.04
C THR B 375 21.56 -22.00 -34.24
N ALA B 376 20.24 -22.05 -34.17
CA ALA B 376 19.33 -21.49 -35.18
C ALA B 376 19.42 -19.96 -35.33
N CYS B 377 19.98 -19.32 -34.31
CA CYS B 377 20.14 -17.87 -34.30
C CYS B 377 21.38 -17.47 -35.12
N ASP B 378 22.24 -18.46 -35.42
CA ASP B 378 23.47 -18.27 -36.21
C ASP B 378 23.18 -18.01 -37.70
N MET B 379 23.66 -16.85 -38.17
CA MET B 379 23.39 -16.30 -39.52
C MET B 379 23.38 -17.33 -40.63
N ASN B 380 24.42 -18.19 -40.64
CA ASN B 380 24.57 -19.28 -41.62
C ASN B 380 24.03 -20.62 -41.07
N ALA B 381 22.77 -20.91 -41.41
CA ALA B 381 21.95 -22.00 -40.81
C ALA B 381 20.83 -22.49 -41.74
C1 CIT C . 1.49 -20.51 -35.86
O1 CIT C . 2.45 -21.02 -35.23
O2 CIT C . 0.91 -19.46 -35.48
C2 CIT C . 1.08 -21.14 -37.14
C3 CIT C . 2.16 -20.70 -38.11
O7 CIT C . 2.62 -19.40 -37.73
C4 CIT C . 1.59 -20.45 -39.49
C5 CIT C . 0.48 -19.44 -39.23
O3 CIT C . -0.71 -19.73 -39.50
O4 CIT C . 0.74 -18.33 -38.69
C6 CIT C . 3.31 -21.66 -37.99
O5 CIT C . 4.41 -21.40 -38.52
O6 CIT C . 3.19 -22.69 -37.30
#